data_3OKT
#
_entry.id   3OKT
#
_cell.length_a   157.860
_cell.length_b   92.903
_cell.length_c   62.904
_cell.angle_alpha   90.00
_cell.angle_beta   102.87
_cell.angle_gamma   90.00
#
_symmetry.space_group_name_H-M   'C 1 2 1'
#
loop_
_entity.id
_entity.type
_entity.pdbx_description
1 polymer Plexin-A2
2 non-polymer 2-acetamido-2-deoxy-beta-D-glucopyranose
3 non-polymer 'CHLORIDE ION'
4 non-polymer 'SODIUM ION'
5 non-polymer GLYCEROL
6 water water
#
_entity_poly.entity_id   1
_entity_poly.type   'polypeptide(L)'
_entity_poly.pdbx_seq_one_letter_code
;ETGMPQYSTFHSENRDWTFNHLTVHRRTGAVYVGAINRVYKLTGNLTIQVAHKTGPEEDNKACYPPLIVQPCSEVLTLTN
NVNKLLIIDYSENRLLACGSLYQGVCKLLRLDDLFILVEPSHKKEHYLSSVNKTGTMYGVIVRSEGEDGKLFIGTAVDGK
QDYFPTLSSRKLPRDPESSAMLDYELHSDFVSSLIKIPSDTLALVSHFDIFYIYGFASGGFVYFLTVQPETPDGMAINSA
GDLFYTSRIVRLCKDDPKFHSYVSLPFGCTRAGVEYRLLQAAYLAKPGEALAQAFNISSDEDVLFAIFSKGQKQYHHPPD
DSALCAFPIRAINLQIKERLQSCYHGEGNLELNWLLGKDVQCTKAPVPIDDNFCGLDINQPLGGSTPVEGLTLYTTSRDR
LTSVASYVYNGYSVVFVGTKSGKLKKIRADGPPHGGVQYEMVSVFKDGSPILRDMAFSINQLYLYVMSERQVTRVPVESC
EQYTTCGECLSSGDPHCGWCALHNMCSRRDKCQRAWEANRFAASISQCMSLEVHPNSISVSDHSRLLSLVVNDAPNLSEG
IACAFGNLTEVEGQVSGSQVICISPGPKDVPVIPLDQDWFGLELQLRSKETGKIFVSTEFKFYNCSAHQLCLSCVNSAFR
CHWCKYRNLCTHDPTTCSFQEGRINVSEDCPQGTKHHHHHH
;
_entity_poly.pdbx_strand_id   A
#
loop_
_chem_comp.id
_chem_comp.type
_chem_comp.name
_chem_comp.formula
CL non-polymer 'CHLORIDE ION' 'Cl -1'
GOL non-polymer GLYCEROL 'C3 H8 O3'
NA non-polymer 'SODIUM ION' 'Na 1'
NAG D-saccharide, beta linking 2-acetamido-2-deoxy-beta-D-glucopyranose 'C8 H15 N O6'
#
# COMPACT_ATOMS: atom_id res chain seq x y z
N PRO A 5 -2.57 -20.31 6.11
CA PRO A 5 -2.08 -18.92 6.08
C PRO A 5 -1.18 -18.64 4.87
N GLN A 6 -1.23 -19.49 3.85
CA GLN A 6 -0.26 -19.42 2.76
C GLN A 6 -0.75 -18.82 1.44
N TYR A 7 -0.11 -17.72 1.04
CA TYR A 7 -0.45 -17.03 -0.20
C TYR A 7 0.16 -17.69 -1.44
N SER A 8 -0.43 -17.41 -2.60
CA SER A 8 0.16 -17.86 -3.87
C SER A 8 1.54 -17.22 -4.09
N THR A 9 2.50 -18.03 -4.53
CA THR A 9 3.88 -17.57 -4.66
C THR A 9 4.64 -18.16 -5.86
N PHE A 10 5.63 -17.42 -6.36
CA PHE A 10 6.49 -17.90 -7.45
C PHE A 10 7.96 -17.65 -7.09
N HIS A 11 8.80 -18.68 -7.24
CA HIS A 11 10.22 -18.57 -6.92
C HIS A 11 11.12 -18.47 -8.17
N SER A 12 12.22 -17.74 -8.03
CA SER A 12 13.24 -17.67 -9.09
C SER A 12 13.82 -19.04 -9.39
N GLU A 13 14.08 -19.31 -10.67
CA GLU A 13 14.64 -20.59 -11.10
C GLU A 13 16.00 -20.87 -10.47
N ASN A 14 16.62 -19.84 -9.90
CA ASN A 14 17.99 -19.95 -9.43
C ASN A 14 18.31 -18.85 -8.43
N ARG A 15 19.15 -19.15 -7.46
CA ARG A 15 19.42 -18.25 -6.34
C ARG A 15 20.20 -16.99 -6.72
N ASP A 16 20.62 -16.89 -7.97
CA ASP A 16 21.38 -15.74 -8.43
C ASP A 16 20.60 -14.96 -9.47
N TRP A 17 19.57 -15.60 -10.02
CA TRP A 17 18.74 -14.99 -11.03
C TRP A 17 17.62 -14.19 -10.38
N THR A 18 18.01 -13.09 -9.74
CA THR A 18 17.10 -12.33 -8.90
C THR A 18 16.03 -11.59 -9.70
N PHE A 19 14.87 -11.40 -9.08
CA PHE A 19 13.77 -10.64 -9.68
C PHE A 19 14.06 -9.14 -9.68
N ASN A 20 13.61 -8.45 -10.71
CA ASN A 20 13.94 -7.06 -10.89
C ASN A 20 12.74 -6.13 -10.95
N HIS A 21 11.78 -6.47 -11.79
CA HIS A 21 10.61 -5.63 -12.02
C HIS A 21 9.38 -6.50 -12.18
N LEU A 22 8.22 -5.87 -12.05
CA LEU A 22 6.96 -6.61 -12.10
C LEU A 22 5.84 -5.70 -12.62
N THR A 23 4.96 -6.26 -13.45
CA THR A 23 3.87 -5.50 -14.01
C THR A 23 2.69 -6.44 -14.27
N VAL A 24 1.47 -5.94 -14.07
CA VAL A 24 0.27 -6.74 -14.28
C VAL A 24 -0.60 -6.16 -15.40
N HIS A 25 -1.06 -7.01 -16.31
CA HIS A 25 -1.85 -6.49 -17.43
C HIS A 25 -3.25 -6.12 -16.98
N ARG A 26 -3.52 -4.82 -16.96
CA ARG A 26 -4.76 -4.28 -16.41
C ARG A 26 -6.00 -5.02 -16.91
N ARG A 27 -5.96 -5.49 -18.15
CA ARG A 27 -7.14 -6.13 -18.73
C ARG A 27 -7.15 -7.66 -18.59
N THR A 28 -5.99 -8.28 -18.74
CA THR A 28 -5.93 -9.75 -18.70
C THR A 28 -5.65 -10.30 -17.30
N GLY A 29 -4.97 -9.52 -16.48
CA GLY A 29 -4.54 -10.02 -15.18
C GLY A 29 -3.23 -10.77 -15.29
N ALA A 30 -2.76 -10.96 -16.52
CA ALA A 30 -1.48 -11.62 -16.74
C ALA A 30 -0.38 -10.91 -15.94
N VAL A 31 0.49 -11.70 -15.32
CA VAL A 31 1.55 -11.15 -14.48
C VAL A 31 2.90 -11.30 -15.18
N TYR A 32 3.62 -10.20 -15.34
CA TYR A 32 4.91 -10.23 -16.01
C TYR A 32 6.04 -9.85 -15.06
N VAL A 33 7.02 -10.74 -14.94
CA VAL A 33 8.14 -10.55 -14.04
C VAL A 33 9.44 -10.37 -14.81
N GLY A 34 10.12 -9.26 -14.56
CA GLY A 34 11.41 -9.01 -15.19
C GLY A 34 12.52 -9.44 -14.26
N ALA A 35 13.25 -10.47 -14.67
CA ALA A 35 14.27 -11.06 -13.82
C ALA A 35 15.59 -11.23 -14.56
N ILE A 36 16.66 -11.45 -13.79
CA ILE A 36 17.95 -11.77 -14.36
C ILE A 36 17.83 -13.00 -15.26
N ASN A 37 18.27 -12.85 -16.51
CA ASN A 37 18.27 -13.94 -17.50
C ASN A 37 16.89 -14.46 -17.91
N ARG A 38 15.83 -13.90 -17.35
CA ARG A 38 14.48 -14.37 -17.66
C ARG A 38 13.43 -13.26 -17.69
N VAL A 39 12.48 -13.38 -18.60
CA VAL A 39 11.24 -12.63 -18.53
C VAL A 39 10.12 -13.64 -18.40
N TYR A 40 9.34 -13.55 -17.33
CA TYR A 40 8.27 -14.52 -17.09
C TYR A 40 6.87 -13.96 -17.32
N LYS A 41 6.03 -14.77 -17.95
CA LYS A 41 4.59 -14.52 -18.00
C LYS A 41 3.88 -15.53 -17.09
N LEU A 42 3.09 -15.03 -16.16
CA LEU A 42 2.41 -15.87 -15.17
C LEU A 42 0.90 -15.64 -15.13
N THR A 43 0.16 -16.65 -14.69
CA THR A 43 -1.28 -16.55 -14.48
C THR A 43 -1.55 -15.74 -13.23
N GLY A 44 -2.83 -15.45 -13.00
CA GLY A 44 -3.22 -14.71 -11.81
C GLY A 44 -2.68 -15.31 -10.52
N ASN A 45 -2.73 -16.63 -10.42
CA ASN A 45 -2.26 -17.33 -9.22
C ASN A 45 -0.78 -17.70 -9.29
N LEU A 46 -0.07 -17.08 -10.23
CA LEU A 46 1.38 -17.19 -10.35
C LEU A 46 1.85 -18.57 -10.84
N THR A 47 1.10 -19.13 -11.78
CA THR A 47 1.54 -20.32 -12.50
C THR A 47 2.25 -19.89 -13.78
N ILE A 48 3.51 -20.31 -13.93
CA ILE A 48 4.28 -19.86 -15.09
C ILE A 48 3.72 -20.39 -16.40
N GLN A 49 3.61 -19.52 -17.39
CA GLN A 49 3.13 -19.90 -18.70
C GLN A 49 4.24 -19.82 -19.75
N VAL A 50 5.00 -18.73 -19.72
CA VAL A 50 6.14 -18.58 -20.60
C VAL A 50 7.37 -18.11 -19.84
N ALA A 51 8.49 -18.76 -20.09
CA ALA A 51 9.76 -18.30 -19.56
C ALA A 51 10.66 -17.88 -20.73
N HIS A 52 10.70 -16.58 -21.00
CA HIS A 52 11.56 -16.07 -22.06
C HIS A 52 12.99 -15.88 -21.56
N LYS A 53 13.94 -16.50 -22.26
CA LYS A 53 15.34 -16.45 -21.85
C LYS A 53 16.02 -15.21 -22.45
N THR A 54 16.84 -14.55 -21.64
CA THR A 54 17.50 -13.32 -22.07
C THR A 54 18.99 -13.38 -21.77
N GLY A 55 19.42 -14.48 -21.16
CA GLY A 55 20.81 -14.70 -20.83
C GLY A 55 20.98 -16.01 -20.09
N PRO A 56 22.18 -16.24 -19.52
CA PRO A 56 23.32 -15.33 -19.67
C PRO A 56 24.04 -15.47 -21.01
N GLU A 57 24.92 -14.51 -21.29
CA GLU A 57 25.74 -14.53 -22.48
C GLU A 57 27.11 -13.96 -22.16
N GLU A 58 28.12 -14.42 -22.88
CA GLU A 58 29.46 -13.91 -22.75
C GLU A 58 29.46 -12.44 -23.13
N ASP A 59 30.09 -11.62 -22.29
CA ASP A 59 30.14 -10.19 -22.52
C ASP A 59 31.26 -9.59 -21.70
N ASN A 60 31.48 -8.29 -21.91
CA ASN A 60 32.41 -7.50 -21.13
C ASN A 60 31.88 -6.07 -21.24
N LYS A 61 31.81 -5.35 -20.12
CA LYS A 61 31.28 -4.00 -20.18
C LYS A 61 32.20 -3.03 -20.92
N ALA A 62 33.48 -3.38 -21.01
CA ALA A 62 34.44 -2.61 -21.79
C ALA A 62 34.18 -2.71 -23.29
N CYS A 63 33.35 -3.66 -23.68
CA CYS A 63 33.05 -3.87 -25.09
C CYS A 63 32.03 -2.88 -25.62
N TYR A 64 32.53 -1.80 -26.22
CA TYR A 64 31.66 -0.80 -26.83
C TYR A 64 32.26 -0.32 -28.14
N PRO A 65 31.46 -0.34 -29.22
CA PRO A 65 30.09 -0.86 -29.28
C PRO A 65 30.01 -2.32 -28.86
N PRO A 66 28.80 -2.82 -28.60
CA PRO A 66 28.58 -4.18 -28.09
C PRO A 66 29.08 -5.26 -29.04
N LEU A 67 29.12 -6.49 -28.56
CA LEU A 67 29.50 -7.66 -29.36
C LEU A 67 28.60 -7.89 -30.56
N ILE A 68 27.36 -7.42 -30.47
CA ILE A 68 26.41 -7.62 -31.56
C ILE A 68 26.62 -6.60 -32.68
N VAL A 69 27.49 -5.63 -32.45
CA VAL A 69 27.81 -4.63 -33.46
C VAL A 69 29.26 -4.79 -33.94
N GLN A 70 30.14 -5.13 -33.00
CA GLN A 70 31.58 -5.20 -33.25
C GLN A 70 32.19 -6.38 -32.53
N PRO A 71 33.23 -6.98 -33.12
CA PRO A 71 34.03 -7.97 -32.40
C PRO A 71 34.76 -7.24 -31.28
N CYS A 72 35.00 -7.90 -30.16
CA CYS A 72 35.70 -7.26 -29.05
C CYS A 72 37.02 -7.96 -28.73
N SER A 73 38.03 -7.18 -28.35
CA SER A 73 39.34 -7.73 -28.02
C SER A 73 39.44 -8.06 -26.54
N GLU A 74 38.56 -7.46 -25.75
CA GLU A 74 38.50 -7.73 -24.32
C GLU A 74 38.18 -9.21 -24.07
N VAL A 75 38.68 -9.74 -22.97
CA VAL A 75 38.33 -11.09 -22.55
C VAL A 75 36.87 -11.15 -22.07
N LEU A 76 36.13 -12.16 -22.53
CA LEU A 76 34.71 -12.25 -22.23
C LEU A 76 34.42 -13.15 -21.03
N THR A 77 33.38 -12.79 -20.28
CA THR A 77 32.92 -13.60 -19.16
C THR A 77 31.44 -13.89 -19.34
N LEU A 78 31.01 -15.11 -19.00
CA LEU A 78 29.60 -15.41 -18.96
C LEU A 78 28.95 -14.38 -18.05
N THR A 79 28.03 -13.59 -18.59
CA THR A 79 27.48 -12.44 -17.90
C THR A 79 25.96 -12.53 -17.71
N ASN A 80 25.51 -12.18 -16.51
CA ASN A 80 24.08 -12.14 -16.23
C ASN A 80 23.44 -10.93 -16.88
N ASN A 81 22.28 -11.15 -17.48
CA ASN A 81 21.48 -10.08 -18.07
C ASN A 81 20.38 -9.58 -17.11
N VAL A 82 20.65 -8.45 -16.47
CA VAL A 82 19.73 -7.84 -15.53
C VAL A 82 18.59 -7.13 -16.25
N ASN A 83 17.35 -7.39 -15.81
CA ASN A 83 16.22 -6.63 -16.33
C ASN A 83 16.27 -5.21 -15.79
N LYS A 84 16.31 -4.23 -16.68
CA LYS A 84 16.52 -2.82 -16.32
C LYS A 84 15.24 -2.05 -16.53
N LEU A 85 14.37 -2.61 -17.36
CA LEU A 85 13.13 -1.94 -17.72
C LEU A 85 12.10 -2.95 -18.19
N LEU A 86 10.87 -2.77 -17.72
CA LEU A 86 9.77 -3.68 -18.08
C LEU A 86 8.46 -2.90 -18.17
N ILE A 87 7.96 -2.72 -19.38
CA ILE A 87 6.79 -1.88 -19.58
C ILE A 87 5.81 -2.47 -20.59
N ILE A 88 4.54 -2.49 -20.23
CA ILE A 88 3.50 -2.95 -21.13
C ILE A 88 3.11 -1.81 -22.06
N ASP A 89 3.16 -2.08 -23.36
CA ASP A 89 2.72 -1.13 -24.38
C ASP A 89 1.32 -1.55 -24.80
N TYR A 90 0.32 -0.98 -24.12
CA TYR A 90 -1.05 -1.50 -24.21
C TYR A 90 -1.67 -1.37 -25.60
N SER A 91 -1.50 -0.22 -26.23
CA SER A 91 -2.04 0.00 -27.56
C SER A 91 -1.65 -1.12 -28.52
N GLU A 92 -0.40 -1.56 -28.43
CA GLU A 92 0.16 -2.50 -29.40
C GLU A 92 0.32 -3.93 -28.88
N ASN A 93 -0.38 -4.26 -27.79
CA ASN A 93 -0.36 -5.61 -27.24
C ASN A 93 1.04 -6.22 -27.21
N ARG A 94 1.98 -5.48 -26.64
CA ARG A 94 3.36 -5.96 -26.57
C ARG A 94 4.03 -5.48 -25.30
N LEU A 95 5.22 -6.00 -25.03
CA LEU A 95 5.96 -5.69 -23.82
C LEU A 95 7.38 -5.28 -24.17
N LEU A 96 7.86 -4.22 -23.53
CA LEU A 96 9.22 -3.74 -23.74
C LEU A 96 10.12 -4.20 -22.60
N ALA A 97 11.19 -4.92 -22.93
CA ALA A 97 12.13 -5.41 -21.93
C ALA A 97 13.54 -5.06 -22.33
N CYS A 98 14.27 -4.41 -21.43
CA CYS A 98 15.63 -3.97 -21.71
C CYS A 98 16.56 -4.48 -20.62
N GLY A 99 17.63 -5.16 -21.03
CA GLY A 99 18.57 -5.73 -20.07
C GLY A 99 19.81 -4.88 -19.87
N SER A 100 20.78 -5.40 -19.11
CA SER A 100 22.07 -4.73 -18.96
C SER A 100 23.08 -5.30 -19.97
N LEU A 101 22.69 -6.41 -20.59
CA LEU A 101 23.56 -7.12 -21.52
C LEU A 101 23.81 -6.31 -22.79
N TYR A 102 25.04 -6.37 -23.32
CA TYR A 102 25.38 -5.66 -24.55
C TYR A 102 25.05 -4.17 -24.50
N GLN A 103 25.52 -3.49 -23.45
CA GLN A 103 25.37 -2.04 -23.37
C GLN A 103 23.91 -1.61 -23.27
N GLY A 104 23.03 -2.52 -22.86
CA GLY A 104 21.65 -2.17 -22.55
C GLY A 104 20.71 -2.10 -23.74
N VAL A 105 20.78 -3.09 -24.62
CA VAL A 105 19.85 -3.20 -25.74
C VAL A 105 18.45 -3.59 -25.26
N CYS A 106 17.42 -3.35 -26.09
CA CYS A 106 16.05 -3.68 -25.71
C CYS A 106 15.39 -4.69 -26.67
N LYS A 107 14.31 -5.31 -26.18
CA LYS A 107 13.50 -6.23 -26.98
C LYS A 107 12.05 -5.80 -26.88
N LEU A 108 11.28 -6.06 -27.94
CA LEU A 108 9.82 -5.98 -27.86
C LEU A 108 9.27 -7.40 -27.94
N LEU A 109 8.46 -7.77 -26.96
CA LEU A 109 7.90 -9.12 -26.91
C LEU A 109 6.39 -9.08 -27.04
N ARG A 110 5.84 -10.04 -27.77
CA ARG A 110 4.39 -10.18 -27.90
C ARG A 110 3.85 -10.65 -26.56
N LEU A 111 2.72 -10.09 -26.13
CA LEU A 111 2.19 -10.35 -24.79
C LEU A 111 1.78 -11.80 -24.53
N ASP A 112 1.19 -12.45 -25.52
CA ASP A 112 0.65 -13.78 -25.31
C ASP A 112 1.70 -14.89 -25.20
N ASP A 113 2.78 -14.79 -25.98
CA ASP A 113 3.79 -15.85 -26.01
C ASP A 113 5.22 -15.37 -25.79
N LEU A 114 5.38 -14.06 -25.63
CA LEU A 114 6.71 -13.46 -25.43
C LEU A 114 7.66 -13.77 -26.57
N PHE A 115 7.10 -14.00 -27.76
CA PHE A 115 7.90 -14.17 -28.96
C PHE A 115 8.52 -12.83 -29.35
N ILE A 116 9.81 -12.82 -29.70
CA ILE A 116 10.50 -11.58 -30.01
C ILE A 116 9.97 -10.93 -31.30
N LEU A 117 9.47 -9.71 -31.16
CA LEU A 117 8.95 -8.95 -32.30
C LEU A 117 10.06 -8.19 -32.99
N VAL A 118 10.99 -7.66 -32.21
CA VAL A 118 12.08 -6.88 -32.75
C VAL A 118 13.08 -6.57 -31.66
N GLU A 119 14.33 -6.37 -32.06
CA GLU A 119 15.40 -6.00 -31.14
C GLU A 119 16.32 -4.97 -31.79
N PRO A 120 15.92 -3.70 -31.74
CA PRO A 120 16.68 -2.58 -32.32
C PRO A 120 18.13 -2.60 -31.85
N SER A 121 19.09 -2.58 -32.77
CA SER A 121 20.48 -2.73 -32.39
C SER A 121 21.51 -2.23 -33.41
N HIS A 122 21.08 -1.45 -34.40
CA HIS A 122 22.01 -0.92 -35.39
C HIS A 122 22.45 0.52 -35.09
N LYS A 123 21.62 1.28 -34.38
CA LYS A 123 21.97 2.66 -34.08
C LYS A 123 22.55 2.83 -32.68
N LYS A 124 23.41 3.83 -32.53
CA LYS A 124 24.04 4.13 -31.26
C LYS A 124 23.03 4.19 -30.11
N GLU A 125 21.96 4.97 -30.30
CA GLU A 125 21.01 5.19 -29.20
C GLU A 125 20.19 3.95 -28.87
N HIS A 126 20.24 2.94 -29.74
CA HIS A 126 19.58 1.66 -29.45
C HIS A 126 20.17 0.98 -28.20
N TYR A 127 21.29 1.51 -27.73
CA TYR A 127 21.93 0.99 -26.53
C TYR A 127 21.80 1.99 -25.38
N LEU A 128 21.07 1.61 -24.35
CA LEU A 128 20.59 2.57 -23.35
C LEU A 128 21.59 2.91 -22.27
N SER A 129 22.44 1.95 -21.90
CA SER A 129 23.31 2.09 -20.74
C SER A 129 23.93 0.75 -20.35
N SER A 130 25.19 0.77 -19.96
CA SER A 130 25.88 -0.45 -19.56
C SER A 130 25.68 -0.76 -18.07
N VAL A 131 25.08 0.18 -17.34
CA VAL A 131 24.81 0.00 -15.91
C VAL A 131 24.06 -1.31 -15.64
N ASN A 132 24.61 -2.13 -14.73
CA ASN A 132 23.99 -3.42 -14.40
C ASN A 132 23.31 -3.46 -13.04
N LYS A 133 22.95 -2.29 -12.52
CA LYS A 133 22.31 -2.18 -11.22
C LYS A 133 20.86 -1.74 -11.32
N THR A 134 19.98 -2.48 -10.68
CA THR A 134 18.56 -2.18 -10.73
C THR A 134 18.25 -0.88 -9.97
N GLY A 135 17.08 -0.30 -10.24
CA GLY A 135 16.65 0.90 -9.54
C GLY A 135 17.35 2.16 -10.01
N THR A 136 17.80 2.18 -11.27
CA THR A 136 18.56 3.30 -11.79
C THR A 136 17.99 3.77 -13.12
N MET A 137 17.12 2.97 -13.70
CA MET A 137 16.47 3.30 -14.96
C MET A 137 14.95 3.24 -14.82
N TYR A 138 14.26 4.19 -15.46
CA TYR A 138 12.80 4.14 -15.54
C TYR A 138 12.28 4.72 -16.86
N GLY A 139 11.22 4.12 -17.39
CA GLY A 139 10.63 4.59 -18.63
C GLY A 139 9.15 4.88 -18.53
N VAL A 140 8.66 5.73 -19.43
CA VAL A 140 7.24 6.00 -19.55
C VAL A 140 6.85 6.04 -21.03
N ILE A 141 5.87 5.23 -21.39
CA ILE A 141 5.32 5.24 -22.74
C ILE A 141 4.15 6.23 -22.84
N VAL A 142 4.17 7.06 -23.86
CA VAL A 142 3.12 8.03 -24.08
C VAL A 142 2.63 7.95 -25.52
N ARG A 143 1.37 7.54 -25.68
CA ARG A 143 0.75 7.48 -27.00
C ARG A 143 -0.68 8.00 -26.99
N SER A 144 -0.87 9.23 -27.45
CA SER A 144 -2.21 9.77 -27.65
C SER A 144 -2.94 9.01 -28.77
N GLU A 145 -4.00 9.62 -29.31
CA GLU A 145 -4.80 8.94 -30.33
C GLU A 145 -4.23 9.07 -31.73
N GLY A 146 -3.76 10.28 -32.07
CA GLY A 146 -3.28 10.55 -33.41
C GLY A 146 -1.79 10.35 -33.58
N GLU A 147 -1.14 9.83 -32.54
CA GLU A 147 0.30 9.60 -32.58
C GLU A 147 0.62 8.11 -32.61
N ASP A 148 1.72 7.76 -33.28
CA ASP A 148 2.13 6.37 -33.39
C ASP A 148 2.81 5.87 -32.11
N GLY A 149 3.30 6.80 -31.29
CA GLY A 149 3.85 6.43 -30.00
C GLY A 149 5.20 7.03 -29.65
N LYS A 150 5.46 7.14 -28.35
CA LYS A 150 6.63 7.84 -27.84
C LYS A 150 7.15 7.14 -26.58
N LEU A 151 8.46 7.08 -26.39
CA LEU A 151 9.00 6.52 -25.15
C LEU A 151 9.98 7.45 -24.45
N PHE A 152 9.68 7.79 -23.21
CA PHE A 152 10.58 8.57 -22.38
C PHE A 152 11.38 7.62 -21.51
N ILE A 153 12.69 7.81 -21.48
CA ILE A 153 13.59 6.92 -20.78
C ILE A 153 14.69 7.68 -20.07
N GLY A 154 14.80 7.48 -18.75
CA GLY A 154 15.87 8.07 -17.96
C GLY A 154 16.73 6.99 -17.36
N THR A 155 18.03 7.24 -17.27
CA THR A 155 18.96 6.20 -16.84
C THR A 155 20.29 6.73 -16.32
N ALA A 156 20.82 6.09 -15.29
CA ALA A 156 22.21 6.31 -14.88
C ALA A 156 23.10 5.88 -16.06
N VAL A 157 24.25 6.51 -16.22
CA VAL A 157 25.08 6.23 -17.41
C VAL A 157 26.46 5.70 -17.06
N ASP A 158 26.80 5.72 -15.79
CA ASP A 158 28.02 5.08 -15.32
C ASP A 158 29.29 5.79 -15.80
N GLY A 159 29.18 7.08 -16.09
CA GLY A 159 30.33 7.87 -16.52
C GLY A 159 30.54 7.88 -18.03
N LYS A 160 29.85 6.99 -18.72
CA LYS A 160 29.88 6.93 -20.17
C LYS A 160 28.99 8.02 -20.75
N GLN A 161 29.29 9.27 -20.39
CA GLN A 161 28.43 10.39 -20.74
C GLN A 161 28.27 10.62 -22.25
N ASP A 162 29.25 10.16 -23.03
CA ASP A 162 29.17 10.30 -24.48
C ASP A 162 28.51 9.09 -25.13
N TYR A 163 28.43 7.99 -24.40
CA TYR A 163 27.81 6.78 -24.92
C TYR A 163 26.30 6.84 -24.80
N PHE A 164 25.84 7.42 -23.69
CA PHE A 164 24.43 7.34 -23.31
C PHE A 164 23.91 8.65 -22.74
N PRO A 165 22.80 9.14 -23.29
CA PRO A 165 22.12 10.27 -22.66
C PRO A 165 21.45 9.81 -21.35
N THR A 166 21.37 10.71 -20.38
CA THR A 166 20.77 10.39 -19.07
C THR A 166 19.24 10.40 -19.13
N LEU A 167 18.69 11.24 -20.01
CA LEU A 167 17.24 11.30 -20.24
C LEU A 167 17.00 11.55 -21.72
N SER A 168 16.00 10.87 -22.28
CA SER A 168 15.69 11.09 -23.70
C SER A 168 14.32 10.58 -24.07
N SER A 169 13.88 10.96 -25.26
CA SER A 169 12.60 10.52 -25.78
C SER A 169 12.83 9.81 -27.11
N ARG A 170 12.17 8.66 -27.29
CA ARG A 170 12.38 7.84 -28.48
C ARG A 170 11.07 7.54 -29.19
N LYS A 171 11.18 7.22 -30.48
CA LYS A 171 10.02 6.81 -31.25
C LYS A 171 9.59 5.40 -30.88
N LEU A 172 8.31 5.23 -30.58
CA LEU A 172 7.73 3.90 -30.36
C LEU A 172 6.64 3.65 -31.38
N PRO A 173 7.01 3.51 -32.67
CA PRO A 173 6.00 3.39 -33.72
C PRO A 173 5.10 2.19 -33.49
N ARG A 174 3.87 2.26 -33.98
CA ARG A 174 2.94 1.15 -33.83
C ARG A 174 3.47 -0.10 -34.54
N ASP A 175 4.08 0.09 -35.70
CA ASP A 175 4.64 -1.01 -36.47
C ASP A 175 5.98 -1.49 -35.91
N PRO A 176 6.03 -2.73 -35.43
CA PRO A 176 7.22 -3.33 -34.81
C PRO A 176 8.43 -3.29 -35.75
N GLU A 177 8.17 -3.46 -37.04
CA GLU A 177 9.24 -3.54 -38.03
C GLU A 177 9.58 -2.17 -38.62
N SER A 178 9.28 -1.11 -37.88
CA SER A 178 9.68 0.21 -38.32
C SER A 178 11.18 0.34 -38.15
N SER A 179 11.82 0.96 -39.15
CA SER A 179 13.27 1.15 -39.13
C SER A 179 13.65 2.20 -38.08
N ALA A 180 12.67 3.01 -37.69
CA ALA A 180 12.92 4.09 -36.73
C ALA A 180 12.59 3.69 -35.29
N MET A 181 12.32 2.41 -35.05
CA MET A 181 11.99 1.94 -33.70
C MET A 181 13.09 2.28 -32.70
N LEU A 182 12.70 3.01 -31.66
CA LEU A 182 13.61 3.43 -30.60
C LEU A 182 14.66 4.46 -31.03
N ASP A 183 14.50 5.03 -32.22
CA ASP A 183 15.31 6.17 -32.63
C ASP A 183 14.96 7.39 -31.78
N TYR A 184 15.91 8.31 -31.65
CA TYR A 184 15.61 9.57 -30.99
C TYR A 184 14.38 10.18 -31.62
N GLU A 185 13.54 10.82 -30.82
CA GLU A 185 12.37 11.50 -31.34
C GLU A 185 12.83 12.68 -32.20
N LEU A 186 13.93 13.29 -31.78
CA LEU A 186 14.56 14.35 -32.53
C LEU A 186 16.06 14.25 -32.31
N HIS A 187 16.84 14.34 -33.39
CA HIS A 187 18.28 14.21 -33.32
C HIS A 187 18.99 15.14 -34.32
N SER A 188 19.56 16.22 -33.81
CA SER A 188 20.39 17.12 -34.60
C SER A 188 21.58 17.53 -33.74
N ASP A 189 22.51 18.28 -34.33
CA ASP A 189 23.74 18.64 -33.64
C ASP A 189 23.49 19.31 -32.28
N PHE A 190 22.60 20.29 -32.25
CA PHE A 190 22.43 21.09 -31.05
C PHE A 190 20.99 21.11 -30.53
N VAL A 191 20.12 20.35 -31.20
CA VAL A 191 18.73 20.23 -30.74
C VAL A 191 18.26 18.79 -30.87
N SER A 192 18.22 18.09 -29.76
CA SER A 192 17.76 16.71 -29.75
C SER A 192 16.87 16.46 -28.57
N SER A 193 16.09 15.38 -28.65
CA SER A 193 15.21 14.98 -27.56
C SER A 193 16.02 14.15 -26.59
N LEU A 194 17.00 14.77 -25.94
CA LEU A 194 17.88 14.07 -25.03
C LEU A 194 18.66 15.06 -24.16
N ILE A 195 19.04 14.61 -22.98
CA ILE A 195 19.90 15.39 -22.10
C ILE A 195 21.17 14.57 -21.84
N LYS A 196 22.32 15.19 -22.04
CA LYS A 196 23.59 14.50 -21.78
C LYS A 196 24.29 15.11 -20.58
N ILE A 197 24.86 14.27 -19.73
CA ILE A 197 25.64 14.74 -18.60
C ILE A 197 26.95 15.33 -19.09
N PRO A 198 27.18 16.63 -18.81
CA PRO A 198 28.42 17.28 -19.28
C PRO A 198 29.67 16.57 -18.78
N SER A 199 30.64 16.46 -19.67
CA SER A 199 31.92 15.87 -19.32
C SER A 199 32.57 16.58 -18.13
N ASP A 200 32.48 17.91 -18.12
CA ASP A 200 33.06 18.73 -17.06
C ASP A 200 32.50 18.39 -15.67
N THR A 201 31.28 17.87 -15.63
CA THR A 201 30.64 17.58 -14.36
C THR A 201 31.17 16.27 -13.77
N LEU A 202 31.46 15.31 -14.63
CA LEU A 202 32.07 14.06 -14.17
C LEU A 202 33.51 14.31 -13.76
N ALA A 203 34.20 15.16 -14.52
CA ALA A 203 35.56 15.54 -14.18
C ALA A 203 35.58 16.17 -12.79
N LEU A 204 34.72 17.15 -12.58
CA LEU A 204 34.62 17.83 -11.29
C LEU A 204 34.30 16.81 -10.20
N VAL A 205 33.21 16.07 -10.41
CA VAL A 205 32.69 15.17 -9.39
C VAL A 205 32.43 13.77 -9.92
N SER A 206 33.13 12.79 -9.36
CA SER A 206 32.80 11.39 -9.60
C SER A 206 32.69 10.75 -8.23
N HIS A 207 31.87 9.70 -8.11
CA HIS A 207 31.26 9.04 -9.25
C HIS A 207 29.90 9.63 -9.61
N PHE A 208 29.89 10.89 -10.06
CA PHE A 208 28.62 11.55 -10.39
C PHE A 208 27.77 10.74 -11.36
N ASP A 209 26.50 10.57 -11.01
CA ASP A 209 25.54 9.92 -11.88
C ASP A 209 24.13 10.33 -11.46
N ILE A 210 23.14 10.01 -12.30
CA ILE A 210 21.76 10.35 -12.00
C ILE A 210 20.91 9.10 -11.99
N PHE A 211 20.29 8.81 -10.85
CA PHE A 211 19.49 7.60 -10.72
C PHE A 211 18.02 7.92 -10.86
N TYR A 212 17.36 7.21 -11.77
CA TYR A 212 15.94 7.39 -12.04
C TYR A 212 15.07 6.36 -11.29
N ILE A 213 14.47 6.79 -10.19
CA ILE A 213 13.77 5.88 -9.28
C ILE A 213 12.39 5.53 -9.80
N TYR A 214 11.69 6.54 -10.32
CA TYR A 214 10.31 6.37 -10.77
C TYR A 214 9.98 7.38 -11.87
N GLY A 215 8.92 7.11 -12.60
CA GLY A 215 8.45 8.00 -13.64
C GLY A 215 6.96 7.82 -13.87
N PHE A 216 6.27 8.86 -14.33
CA PHE A 216 4.85 8.74 -14.63
C PHE A 216 4.32 9.85 -15.53
N ALA A 217 3.19 9.58 -16.17
CA ALA A 217 2.47 10.59 -16.95
C ALA A 217 1.25 11.09 -16.17
N SER A 218 1.09 12.42 -16.14
CA SER A 218 -0.07 13.02 -15.51
C SER A 218 -0.46 14.29 -16.27
N GLY A 219 -1.68 14.32 -16.79
CA GLY A 219 -2.11 15.44 -17.59
C GLY A 219 -1.26 15.57 -18.84
N GLY A 220 -0.82 16.79 -19.14
CA GLY A 220 0.00 17.02 -20.33
C GLY A 220 1.50 16.86 -20.13
N PHE A 221 1.92 16.20 -19.06
CA PHE A 221 3.34 16.12 -18.75
C PHE A 221 3.80 14.69 -18.44
N VAL A 222 5.11 14.49 -18.49
CA VAL A 222 5.74 13.31 -17.92
C VAL A 222 6.64 13.77 -16.79
N TYR A 223 6.84 12.90 -15.81
CA TYR A 223 7.59 13.25 -14.62
C TYR A 223 8.56 12.13 -14.30
N PHE A 224 9.80 12.49 -13.97
CA PHE A 224 10.77 11.53 -13.50
C PHE A 224 11.27 11.97 -12.14
N LEU A 225 11.45 11.00 -11.26
CA LEU A 225 11.92 11.26 -9.92
C LEU A 225 13.33 10.70 -9.81
N THR A 226 14.27 11.55 -9.48
CA THR A 226 15.68 11.17 -9.51
C THR A 226 16.43 11.43 -8.22
N VAL A 227 17.53 10.71 -8.06
CA VAL A 227 18.50 10.98 -7.02
C VAL A 227 19.86 11.18 -7.70
N GLN A 228 20.66 12.13 -7.21
CA GLN A 228 21.99 12.35 -7.75
C GLN A 228 22.83 13.10 -6.74
N PRO A 229 24.15 12.92 -6.80
CA PRO A 229 25.07 13.65 -5.92
C PRO A 229 24.95 15.15 -6.19
N GLU A 230 25.13 15.96 -5.15
CA GLU A 230 25.09 17.40 -5.34
C GLU A 230 26.43 17.89 -5.83
N THR A 231 26.44 19.07 -6.44
CA THR A 231 27.66 19.64 -6.98
C THR A 231 28.03 20.95 -6.26
N PRO A 232 29.35 21.20 -6.11
CA PRO A 232 29.86 22.46 -5.57
C PRO A 232 29.46 23.65 -6.44
N ASP A 242 32.21 14.23 3.17
CA ASP A 242 30.97 13.50 2.93
C ASP A 242 30.30 13.90 1.61
N LEU A 243 29.54 12.98 1.03
CA LEU A 243 28.85 13.23 -0.22
C LEU A 243 27.36 13.43 0.02
N PHE A 244 26.83 14.54 -0.48
CA PHE A 244 25.41 14.85 -0.34
C PHE A 244 24.67 14.59 -1.64
N TYR A 245 23.48 13.99 -1.52
CA TYR A 245 22.66 13.69 -2.68
C TYR A 245 21.39 14.53 -2.69
N THR A 246 20.82 14.75 -3.87
CA THR A 246 19.58 15.48 -4.02
C THR A 246 18.56 14.65 -4.78
N SER A 247 17.33 14.65 -4.28
CA SER A 247 16.21 14.00 -4.94
C SER A 247 15.39 15.06 -5.67
N ARG A 248 15.05 14.81 -6.92
CA ARG A 248 14.39 15.83 -7.71
C ARG A 248 13.17 15.33 -8.49
N ILE A 249 12.27 16.26 -8.78
CA ILE A 249 11.22 16.05 -9.74
C ILE A 249 11.64 16.71 -11.04
N VAL A 250 11.73 15.92 -12.11
CA VAL A 250 12.02 16.43 -13.44
C VAL A 250 10.77 16.37 -14.30
N ARG A 251 10.33 17.49 -14.83
CA ARG A 251 9.13 17.50 -15.68
C ARG A 251 9.41 17.87 -17.13
N LEU A 252 8.68 17.21 -18.03
CA LEU A 252 8.68 17.53 -19.44
C LEU A 252 7.25 17.49 -19.97
N CYS A 253 6.95 18.31 -20.99
CA CYS A 253 5.69 18.20 -21.68
C CYS A 253 5.67 16.96 -22.54
N LYS A 254 4.52 16.29 -22.61
CA LYS A 254 4.37 15.12 -23.46
C LYS A 254 4.75 15.41 -24.91
N ASP A 255 4.59 16.66 -25.34
CA ASP A 255 4.84 17.01 -26.73
C ASP A 255 5.88 18.13 -26.83
N ASP A 256 7.15 17.74 -26.92
CA ASP A 256 8.27 18.68 -26.87
C ASP A 256 9.61 18.05 -27.26
N PRO A 257 9.77 17.74 -28.55
CA PRO A 257 10.99 17.12 -29.09
C PRO A 257 12.26 17.86 -28.68
N LYS A 258 12.16 19.17 -28.54
CA LYS A 258 13.34 19.99 -28.25
C LYS A 258 13.79 19.92 -26.80
N PHE A 259 12.98 19.33 -25.94
CA PHE A 259 13.28 19.23 -24.51
C PHE A 259 13.46 20.62 -23.89
N HIS A 260 12.85 21.63 -24.51
CA HIS A 260 12.86 22.98 -23.99
C HIS A 260 12.04 23.13 -22.71
N SER A 261 11.15 22.16 -22.45
CA SER A 261 10.26 22.25 -21.30
C SER A 261 10.89 21.70 -20.01
N TYR A 262 12.13 21.27 -20.11
CA TYR A 262 12.83 20.64 -18.98
C TYR A 262 12.88 21.56 -17.77
N VAL A 263 12.39 21.06 -16.64
CA VAL A 263 12.49 21.80 -15.39
C VAL A 263 12.67 20.82 -14.24
N SER A 264 13.43 21.22 -13.22
CA SER A 264 13.88 20.29 -12.18
C SER A 264 13.92 20.93 -10.79
N LEU A 265 13.12 20.40 -9.87
CA LEU A 265 13.09 20.90 -8.49
C LEU A 265 13.37 19.78 -7.49
N PRO A 266 14.02 20.14 -6.37
CA PRO A 266 14.21 19.18 -5.29
C PRO A 266 12.87 18.88 -4.65
N PHE A 267 12.74 17.73 -3.99
CA PHE A 267 11.56 17.51 -3.15
C PHE A 267 11.86 16.57 -1.99
N GLY A 268 10.91 16.48 -1.08
CA GLY A 268 11.08 15.69 0.12
C GLY A 268 10.02 16.07 1.10
N CYS A 269 10.23 15.77 2.37
CA CYS A 269 9.24 16.08 3.39
C CYS A 269 9.87 16.07 4.76
N THR A 270 9.13 16.59 5.73
CA THR A 270 9.65 16.79 7.08
C THR A 270 8.60 16.46 8.11
N ARG A 271 9.03 15.90 9.24
CA ARG A 271 8.17 15.73 10.39
C ARG A 271 8.97 15.48 11.66
N ALA A 272 8.56 16.14 12.74
CA ALA A 272 9.12 15.86 14.05
C ALA A 272 10.63 16.06 14.09
N GLY A 273 11.11 17.14 13.49
CA GLY A 273 12.52 17.49 13.54
C GLY A 273 13.41 16.64 12.65
N VAL A 274 12.83 15.95 11.68
CA VAL A 274 13.61 15.14 10.76
C VAL A 274 13.30 15.44 9.30
N GLU A 275 14.32 15.79 8.53
CA GLU A 275 14.18 16.01 7.08
C GLU A 275 14.39 14.71 6.32
N TYR A 276 13.41 14.32 5.51
CA TYR A 276 13.52 13.14 4.68
C TYR A 276 13.75 13.53 3.23
N ARG A 277 14.98 13.35 2.75
CA ARG A 277 15.39 13.91 1.46
C ARG A 277 15.92 12.90 0.45
N LEU A 278 16.14 11.66 0.88
CA LEU A 278 16.65 10.60 0.00
C LEU A 278 15.53 9.74 -0.55
N LEU A 279 15.19 9.94 -1.83
CA LEU A 279 14.10 9.20 -2.45
C LEU A 279 14.39 7.71 -2.56
N GLN A 280 13.43 6.89 -2.12
CA GLN A 280 13.56 5.45 -2.11
C GLN A 280 12.59 4.79 -3.09
N ALA A 281 11.39 5.34 -3.21
CA ALA A 281 10.36 4.72 -4.03
C ALA A 281 9.16 5.65 -4.20
N ALA A 282 8.32 5.36 -5.18
CA ALA A 282 7.15 6.20 -5.45
C ALA A 282 6.05 5.49 -6.23
N TYR A 283 4.86 6.09 -6.24
CA TYR A 283 3.68 5.50 -6.88
C TYR A 283 2.59 6.56 -7.08
N LEU A 284 2.07 6.67 -8.30
CA LEU A 284 1.02 7.62 -8.58
C LEU A 284 -0.33 6.98 -8.29
N ALA A 285 -1.18 7.68 -7.56
CA ALA A 285 -2.53 7.18 -7.28
C ALA A 285 -3.54 8.33 -7.15
N LYS A 286 -4.79 7.98 -6.82
CA LYS A 286 -5.80 8.97 -6.50
C LYS A 286 -5.80 9.24 -4.99
N PRO A 287 -6.29 10.42 -4.58
CA PRO A 287 -6.15 10.92 -3.21
C PRO A 287 -6.97 10.18 -2.16
N GLY A 288 -8.20 9.82 -2.48
CA GLY A 288 -9.15 9.45 -1.43
C GLY A 288 -9.75 10.70 -0.82
N GLU A 289 -10.92 10.57 -0.19
CA GLU A 289 -11.66 11.75 0.26
C GLU A 289 -10.90 12.66 1.23
N ALA A 290 -10.26 12.06 2.23
CA ALA A 290 -9.59 12.84 3.27
C ALA A 290 -8.41 13.68 2.75
N LEU A 291 -7.61 13.10 1.86
CA LEU A 291 -6.48 13.83 1.28
C LEU A 291 -6.95 14.85 0.26
N ALA A 292 -7.99 14.51 -0.47
CA ALA A 292 -8.56 15.42 -1.45
C ALA A 292 -8.95 16.71 -0.74
N GLN A 293 -9.59 16.58 0.42
CA GLN A 293 -9.99 17.75 1.20
C GLN A 293 -8.74 18.41 1.77
N ALA A 294 -7.86 17.60 2.32
CA ALA A 294 -6.62 18.11 2.88
C ALA A 294 -5.81 18.89 1.85
N PHE A 295 -5.85 18.44 0.60
CA PHE A 295 -5.08 19.06 -0.47
C PHE A 295 -5.87 20.06 -1.31
N ASN A 296 -7.17 20.17 -1.03
CA ASN A 296 -8.01 21.07 -1.82
C ASN A 296 -7.93 20.73 -3.32
N ILE A 297 -8.21 19.47 -3.63
CA ILE A 297 -8.21 19.01 -5.01
C ILE A 297 -9.38 18.08 -5.23
N SER A 298 -9.75 17.88 -6.49
CA SER A 298 -10.80 16.94 -6.85
C SER A 298 -10.35 15.50 -6.57
N SER A 299 -11.31 14.65 -6.21
CA SER A 299 -10.98 13.28 -5.81
C SER A 299 -10.40 12.42 -6.92
N ASP A 300 -10.41 12.92 -8.15
CA ASP A 300 -9.86 12.15 -9.27
C ASP A 300 -8.65 12.85 -9.87
N GLU A 301 -8.01 13.71 -9.09
CA GLU A 301 -6.72 14.26 -9.47
C GLU A 301 -5.62 13.36 -8.94
N ASP A 302 -4.42 13.49 -9.50
CA ASP A 302 -3.35 12.57 -9.19
C ASP A 302 -2.57 12.97 -7.95
N VAL A 303 -2.20 11.96 -7.14
CA VAL A 303 -1.33 12.18 -6.00
C VAL A 303 -0.11 11.26 -6.07
N LEU A 304 1.05 11.85 -5.84
CA LEU A 304 2.28 11.08 -5.84
C LEU A 304 2.62 10.61 -4.44
N PHE A 305 2.60 9.29 -4.24
CA PHE A 305 2.98 8.72 -2.96
C PHE A 305 4.43 8.29 -3.02
N ALA A 306 5.24 8.75 -2.07
CA ALA A 306 6.68 8.57 -2.12
C ALA A 306 7.29 8.16 -0.79
N ILE A 307 8.34 7.31 -0.87
CA ILE A 307 9.13 6.95 0.29
C ILE A 307 10.46 7.72 0.28
N PHE A 308 10.81 8.36 1.40
CA PHE A 308 12.12 9.01 1.57
C PHE A 308 12.83 8.52 2.82
N SER A 309 14.15 8.38 2.75
CA SER A 309 14.94 8.14 3.94
C SER A 309 15.45 9.46 4.52
N LYS A 310 15.71 9.46 5.82
CA LYS A 310 16.27 10.63 6.49
C LYS A 310 17.54 11.15 5.82
N GLY A 311 17.66 12.47 5.70
CA GLY A 311 18.89 13.10 5.32
C GLY A 311 19.16 13.12 3.83
N GLN A 312 20.40 13.43 3.47
CA GLN A 312 20.79 13.51 2.06
C GLN A 312 22.10 12.76 1.81
N LYS A 313 22.43 11.84 2.70
CA LYS A 313 23.67 11.05 2.60
C LYS A 313 23.39 9.55 2.65
N GLN A 314 24.45 8.76 2.45
CA GLN A 314 24.35 7.32 2.52
C GLN A 314 23.40 6.77 1.46
N TYR A 315 23.55 7.24 0.22
CA TYR A 315 22.66 6.79 -0.85
C TYR A 315 22.63 5.28 -1.05
N HIS A 316 23.78 4.63 -0.93
CA HIS A 316 23.86 3.19 -1.17
C HIS A 316 23.36 2.37 0.01
N HIS A 317 23.42 2.94 1.21
CA HIS A 317 22.82 2.30 2.38
C HIS A 317 22.00 3.31 3.19
N PRO A 318 20.81 3.65 2.69
CA PRO A 318 19.97 4.71 3.28
C PRO A 318 19.62 4.41 4.73
N PRO A 319 19.54 5.45 5.58
CA PRO A 319 19.18 5.29 6.99
C PRO A 319 17.85 4.53 7.14
N ASP A 320 17.69 3.82 8.25
CA ASP A 320 16.46 3.09 8.51
C ASP A 320 15.30 4.06 8.68
N ASP A 321 15.59 5.20 9.28
CA ASP A 321 14.60 6.22 9.55
C ASP A 321 14.01 6.75 8.24
N SER A 322 12.76 6.40 7.98
CA SER A 322 12.17 6.66 6.66
C SER A 322 10.69 7.07 6.73
N ALA A 323 10.19 7.66 5.66
CA ALA A 323 8.89 8.31 5.68
C ALA A 323 8.07 8.06 4.41
N LEU A 324 6.77 8.02 4.56
CA LEU A 324 5.83 7.96 3.44
C LEU A 324 5.21 9.34 3.29
N CYS A 325 5.38 9.94 2.11
CA CYS A 325 4.88 11.29 1.85
C CYS A 325 3.97 11.33 0.64
N ALA A 326 3.19 12.41 0.55
CA ALA A 326 2.23 12.58 -0.53
C ALA A 326 2.38 13.95 -1.16
N PHE A 327 2.42 13.97 -2.49
CA PHE A 327 2.55 15.20 -3.25
C PHE A 327 1.42 15.27 -4.28
N PRO A 328 0.49 16.21 -4.09
CA PRO A 328 -0.52 16.36 -5.14
C PRO A 328 0.13 16.92 -6.40
N ILE A 329 -0.18 16.32 -7.54
CA ILE A 329 0.39 16.77 -8.81
C ILE A 329 0.15 18.25 -9.01
N ARG A 330 -1.03 18.71 -8.60
CA ARG A 330 -1.41 20.12 -8.76
C ARG A 330 -0.46 21.03 -8.01
N ALA A 331 -0.15 20.69 -6.77
CA ALA A 331 0.81 21.46 -5.98
C ALA A 331 2.20 21.47 -6.63
N ILE A 332 2.54 20.38 -7.32
CA ILE A 332 3.81 20.31 -8.02
C ILE A 332 3.82 21.27 -9.23
N ASN A 333 2.80 21.16 -10.08
CA ASN A 333 2.73 22.02 -11.26
C ASN A 333 2.74 23.48 -10.87
N LEU A 334 2.07 23.80 -9.78
CA LEU A 334 1.97 25.18 -9.33
C LEU A 334 3.34 25.71 -8.94
N GLN A 335 4.09 24.92 -8.18
CA GLN A 335 5.42 25.37 -7.76
C GLN A 335 6.36 25.48 -8.96
N ILE A 336 6.11 24.64 -9.97
CA ILE A 336 6.86 24.73 -11.22
C ILE A 336 6.48 26.00 -11.98
N LYS A 337 5.19 26.30 -12.05
CA LYS A 337 4.75 27.52 -12.73
C LYS A 337 5.34 28.76 -12.06
N GLU A 338 5.28 28.82 -10.73
CA GLU A 338 5.79 29.97 -10.00
C GLU A 338 7.26 30.18 -10.29
N ARG A 339 7.96 29.07 -10.47
CA ARG A 339 9.39 29.09 -10.77
C ARG A 339 9.62 29.67 -12.16
N LEU A 340 8.91 29.14 -13.15
CA LEU A 340 8.94 29.67 -14.51
C LEU A 340 8.64 31.17 -14.52
N GLN A 341 7.57 31.56 -13.84
CA GLN A 341 7.16 32.95 -13.82
C GLN A 341 8.25 33.86 -13.27
N SER A 342 8.83 33.49 -12.13
CA SER A 342 9.81 34.36 -11.51
C SER A 342 11.09 34.44 -12.36
N CYS A 343 11.39 33.37 -13.08
CA CYS A 343 12.54 33.35 -13.95
C CYS A 343 12.32 34.27 -15.16
N TYR A 344 11.17 34.12 -15.79
CA TYR A 344 10.79 34.96 -16.93
C TYR A 344 10.46 36.38 -16.50
N HIS A 345 10.74 36.70 -15.24
CA HIS A 345 10.66 38.09 -14.78
C HIS A 345 12.07 38.61 -14.57
N GLY A 346 13.05 37.74 -14.76
CA GLY A 346 14.45 38.11 -14.67
C GLY A 346 15.05 37.91 -13.30
N GLU A 347 14.36 37.13 -12.46
CA GLU A 347 14.77 36.94 -11.07
C GLU A 347 15.66 35.72 -10.88
N GLY A 348 16.89 35.96 -10.43
CA GLY A 348 17.80 34.88 -10.09
C GLY A 348 18.45 34.17 -11.27
N ASN A 349 18.87 32.93 -11.03
CA ASN A 349 19.55 32.12 -12.02
C ASN A 349 18.77 30.87 -12.32
N LEU A 350 19.18 30.14 -13.35
CA LEU A 350 18.53 28.89 -13.71
C LEU A 350 18.80 27.83 -12.64
N GLU A 351 19.99 27.86 -12.06
CA GLU A 351 20.34 27.02 -10.91
C GLU A 351 20.28 25.52 -11.19
N LEU A 352 21.04 25.06 -12.15
CA LEU A 352 21.13 23.63 -12.46
C LEU A 352 22.57 23.34 -12.87
N ASN A 353 23.46 23.48 -11.91
CA ASN A 353 24.90 23.46 -12.15
C ASN A 353 25.47 22.23 -12.86
N TRP A 354 24.98 21.05 -12.51
CA TRP A 354 25.51 19.82 -13.11
C TRP A 354 25.33 19.80 -14.62
N LEU A 355 24.34 20.54 -15.12
CA LEU A 355 24.05 20.54 -16.53
C LEU A 355 24.56 21.81 -17.20
N LEU A 356 24.15 22.96 -16.67
CA LEU A 356 24.58 24.25 -17.18
C LEU A 356 26.06 24.49 -16.91
N GLY A 357 26.59 23.77 -15.93
CA GLY A 357 28.00 23.87 -15.59
C GLY A 357 28.36 25.09 -14.76
N LYS A 358 27.60 26.17 -14.95
CA LYS A 358 27.92 27.44 -14.30
C LYS A 358 26.67 28.17 -13.82
N ASP A 359 26.86 29.39 -13.35
CA ASP A 359 25.75 30.29 -13.02
C ASP A 359 25.23 30.97 -14.27
N VAL A 360 23.97 30.73 -14.60
CA VAL A 360 23.34 31.37 -15.74
C VAL A 360 22.14 32.18 -15.26
N GLN A 361 22.11 33.45 -15.62
CA GLN A 361 21.05 34.33 -15.15
C GLN A 361 19.76 34.18 -15.94
N CYS A 362 18.64 34.17 -15.22
CA CYS A 362 17.33 34.15 -15.84
C CYS A 362 17.16 35.37 -16.75
N THR A 363 16.48 35.18 -17.87
CA THR A 363 16.25 36.27 -18.80
C THR A 363 14.82 36.77 -18.74
N LYS A 364 14.64 38.04 -18.41
CA LYS A 364 13.31 38.64 -18.36
C LYS A 364 12.73 38.76 -19.76
N ALA A 365 11.53 38.24 -19.95
CA ALA A 365 10.83 38.35 -21.22
C ALA A 365 9.33 38.35 -20.95
N PRO A 366 8.60 39.27 -21.59
CA PRO A 366 7.16 39.40 -21.36
C PRO A 366 6.39 38.28 -22.02
N VAL A 367 6.65 37.05 -21.58
CA VAL A 367 5.94 35.88 -22.07
C VAL A 367 5.01 35.37 -20.97
N PRO A 368 3.73 35.18 -21.31
CA PRO A 368 2.75 34.69 -20.34
C PRO A 368 3.00 33.22 -20.05
N ILE A 369 3.14 32.87 -18.78
CA ILE A 369 3.35 31.46 -18.43
C ILE A 369 2.03 30.77 -18.09
N ASP A 370 1.53 30.04 -19.08
CA ASP A 370 0.28 29.32 -18.98
C ASP A 370 0.45 28.08 -18.10
N ASP A 371 -0.66 27.43 -17.76
CA ASP A 371 -0.59 26.15 -17.06
C ASP A 371 0.13 25.12 -17.93
N ASN A 372 -0.03 25.25 -19.25
CA ASN A 372 0.56 24.31 -20.19
C ASN A 372 1.68 24.91 -21.03
N PHE A 373 2.45 25.80 -20.40
CA PHE A 373 3.65 26.36 -21.02
C PHE A 373 4.69 25.26 -21.22
N CYS A 374 5.22 25.15 -22.44
CA CYS A 374 6.14 24.06 -22.75
C CYS A 374 7.55 24.52 -23.08
N GLY A 375 7.91 25.73 -22.62
CA GLY A 375 9.26 26.21 -22.75
C GLY A 375 9.57 26.91 -24.06
N LEU A 376 10.65 27.71 -24.04
CA LEU A 376 11.18 28.35 -25.24
C LEU A 376 12.69 28.09 -25.26
N ASP A 377 13.41 28.80 -26.12
CA ASP A 377 14.87 28.63 -26.18
C ASP A 377 15.56 29.18 -24.94
N ILE A 378 15.08 30.32 -24.45
CA ILE A 378 15.65 30.94 -23.26
C ILE A 378 15.24 30.21 -21.98
N ASN A 379 15.91 30.52 -20.88
CA ASN A 379 15.52 30.03 -19.57
C ASN A 379 15.23 28.53 -19.52
N GLN A 380 16.08 27.75 -20.20
CA GLN A 380 15.97 26.29 -20.20
C GLN A 380 17.31 25.69 -20.57
N PRO A 381 17.65 24.53 -19.98
CA PRO A 381 16.86 23.84 -18.96
C PRO A 381 16.81 24.62 -17.66
N LEU A 382 15.86 24.30 -16.79
CA LEU A 382 15.65 25.08 -15.58
C LEU A 382 15.69 24.25 -14.31
N GLY A 383 16.48 24.69 -13.35
CA GLY A 383 16.56 24.06 -12.04
C GLY A 383 15.90 24.89 -10.96
N GLY A 384 16.50 24.90 -9.78
CA GLY A 384 15.95 25.61 -8.64
C GLY A 384 16.41 24.99 -7.33
N SER A 385 16.43 25.77 -6.26
CA SER A 385 16.95 25.29 -4.98
C SER A 385 15.88 24.99 -3.93
N THR A 386 14.78 25.73 -3.95
CA THR A 386 13.73 25.55 -2.96
C THR A 386 12.86 24.32 -3.25
N PRO A 387 12.83 23.37 -2.30
CA PRO A 387 12.19 22.05 -2.44
C PRO A 387 10.66 22.08 -2.47
N VAL A 388 10.09 21.12 -3.17
CA VAL A 388 8.65 20.88 -3.11
C VAL A 388 8.38 20.03 -1.87
N GLU A 389 7.67 20.60 -0.91
CA GLU A 389 7.40 19.90 0.36
C GLU A 389 6.17 19.00 0.25
N GLY A 390 6.32 17.74 0.61
CA GLY A 390 5.20 16.83 0.62
C GLY A 390 4.54 16.78 1.98
N LEU A 391 3.38 16.15 2.05
CA LEU A 391 2.71 15.92 3.33
C LEU A 391 3.19 14.59 3.90
N THR A 392 3.82 14.62 5.06
CA THR A 392 4.29 13.38 5.66
C THR A 392 3.11 12.62 6.27
N LEU A 393 2.84 11.42 5.76
CA LEU A 393 1.75 10.58 6.26
C LEU A 393 2.15 9.65 7.41
N TYR A 394 3.35 9.10 7.34
CA TYR A 394 3.76 8.06 8.27
C TYR A 394 5.29 7.91 8.29
N THR A 395 5.85 7.57 9.46
CA THR A 395 7.29 7.35 9.56
C THR A 395 7.63 6.10 10.38
N THR A 396 8.79 5.52 10.08
CA THR A 396 9.30 4.39 10.85
C THR A 396 10.74 4.65 11.26
N SER A 397 11.18 3.99 12.32
CA SER A 397 12.50 4.25 12.88
C SER A 397 13.56 3.19 12.59
N ARG A 398 13.13 1.95 12.31
CA ARG A 398 14.09 0.84 12.21
C ARG A 398 13.82 -0.10 11.03
N ASP A 399 12.57 -0.43 10.79
CA ASP A 399 12.23 -1.31 9.67
C ASP A 399 12.05 -0.46 8.41
N ARG A 400 13.18 -0.01 7.87
CA ARG A 400 13.22 0.93 6.75
C ARG A 400 12.21 0.60 5.65
N LEU A 401 11.44 1.62 5.26
CA LEU A 401 10.47 1.49 4.18
C LEU A 401 11.19 1.40 2.83
N THR A 402 10.69 0.55 1.93
CA THR A 402 11.39 0.27 0.68
C THR A 402 10.54 0.36 -0.60
N SER A 403 9.23 0.31 -0.45
CA SER A 403 8.34 0.40 -1.61
C SER A 403 6.98 0.95 -1.20
N VAL A 404 6.14 1.20 -2.22
CA VAL A 404 4.85 1.83 -2.00
C VAL A 404 3.90 1.62 -3.17
N ALA A 405 2.64 1.38 -2.82
CA ALA A 405 1.55 1.31 -3.78
C ALA A 405 0.32 1.79 -3.04
N SER A 406 -0.69 2.25 -3.77
CA SER A 406 -1.85 2.79 -3.11
C SER A 406 -3.08 2.68 -3.99
N TYR A 407 -4.24 2.62 -3.36
CA TYR A 407 -5.50 2.73 -4.10
C TYR A 407 -6.61 3.24 -3.19
N VAL A 408 -7.79 3.44 -3.76
CA VAL A 408 -8.89 3.99 -3.00
C VAL A 408 -10.00 2.96 -2.84
N TYR A 409 -10.33 2.65 -1.59
CA TYR A 409 -11.45 1.78 -1.30
C TYR A 409 -12.49 2.55 -0.50
N ASN A 410 -13.71 2.62 -1.03
CA ASN A 410 -14.81 3.30 -0.35
C ASN A 410 -14.46 4.71 0.12
N GLY A 411 -13.68 5.44 -0.67
CA GLY A 411 -13.28 6.78 -0.33
C GLY A 411 -12.05 6.87 0.57
N TYR A 412 -11.55 5.73 1.01
CA TYR A 412 -10.36 5.70 1.85
C TYR A 412 -9.12 5.40 1.03
N SER A 413 -8.13 6.28 1.14
CA SER A 413 -6.84 6.00 0.56
C SER A 413 -6.10 4.97 1.42
N VAL A 414 -5.80 3.83 0.82
CA VAL A 414 -5.08 2.75 1.48
C VAL A 414 -3.70 2.62 0.86
N VAL A 415 -2.66 2.79 1.67
CA VAL A 415 -1.30 2.78 1.19
C VAL A 415 -0.54 1.55 1.68
N PHE A 416 0.03 0.80 0.74
CA PHE A 416 0.82 -0.37 1.09
C PHE A 416 2.31 -0.05 1.04
N VAL A 417 3.01 -0.30 2.13
CA VAL A 417 4.42 0.03 2.19
C VAL A 417 5.29 -1.17 2.53
N GLY A 418 6.21 -1.52 1.63
CA GLY A 418 7.13 -2.62 1.89
C GLY A 418 8.25 -2.19 2.81
N THR A 419 8.86 -3.15 3.48
CA THR A 419 9.98 -2.86 4.38
C THR A 419 11.20 -3.73 4.04
N LYS A 420 12.35 -3.33 4.57
CA LYS A 420 13.60 -4.01 4.28
C LYS A 420 13.62 -5.42 4.88
N SER A 421 12.70 -5.72 5.79
CA SER A 421 12.67 -7.04 6.40
C SER A 421 11.53 -7.93 5.89
N GLY A 422 10.94 -7.54 4.76
CA GLY A 422 9.92 -8.37 4.12
C GLY A 422 8.52 -8.20 4.69
N LYS A 423 8.31 -7.12 5.43
CA LYS A 423 6.98 -6.79 5.95
C LYS A 423 6.24 -5.87 5.00
N LEU A 424 4.91 -6.01 5.00
CA LEU A 424 4.05 -5.11 4.26
C LEU A 424 3.11 -4.38 5.23
N LYS A 425 3.23 -3.05 5.28
CA LYS A 425 2.37 -2.24 6.15
C LYS A 425 1.13 -1.74 5.40
N LYS A 426 -0.01 -1.77 6.07
CA LYS A 426 -1.22 -1.18 5.51
C LYS A 426 -1.54 0.12 6.24
N ILE A 427 -1.39 1.24 5.54
CA ILE A 427 -1.63 2.56 6.12
C ILE A 427 -2.92 3.14 5.59
N ARG A 428 -3.75 3.66 6.49
CA ARG A 428 -4.94 4.39 6.05
C ARG A 428 -4.64 5.87 6.04
N ALA A 429 -4.74 6.50 4.87
CA ALA A 429 -4.40 7.91 4.77
C ALA A 429 -5.55 8.83 5.21
N ASP A 430 -5.25 9.69 6.17
CA ASP A 430 -6.12 10.81 6.53
C ASP A 430 -5.21 12.05 6.48
N GLY A 431 -5.77 13.23 6.27
CA GLY A 431 -4.93 14.42 6.24
C GLY A 431 -4.38 14.73 7.62
N PRO A 432 -3.90 15.97 7.82
CA PRO A 432 -3.57 16.42 9.17
C PRO A 432 -4.74 16.19 10.13
N PRO A 433 -4.46 16.15 11.44
CA PRO A 433 -3.13 16.35 12.01
C PRO A 433 -2.32 15.05 12.14
N HIS A 434 -2.97 13.91 11.93
CA HIS A 434 -2.31 12.62 12.10
C HIS A 434 -1.54 12.19 10.85
N GLY A 435 -2.16 12.39 9.68
CA GLY A 435 -1.51 12.08 8.42
C GLY A 435 -1.81 10.69 7.91
N GLY A 436 -1.37 9.68 8.64
CA GLY A 436 -1.61 8.32 8.24
C GLY A 436 -1.63 7.43 9.46
N VAL A 437 -2.25 6.27 9.33
CA VAL A 437 -2.35 5.35 10.44
C VAL A 437 -2.12 3.95 9.92
N GLN A 438 -1.12 3.27 10.49
CA GLN A 438 -0.89 1.88 10.16
C GLN A 438 -1.90 1.04 10.93
N TYR A 439 -2.71 0.29 10.21
CA TYR A 439 -3.73 -0.51 10.89
C TYR A 439 -3.42 -1.99 10.82
N GLU A 440 -2.39 -2.32 10.04
CA GLU A 440 -1.92 -3.70 9.97
C GLU A 440 -0.52 -3.81 9.37
N MET A 441 0.22 -4.81 9.82
CA MET A 441 1.49 -5.17 9.20
C MET A 441 1.59 -6.68 8.99
N VAL A 442 1.72 -7.09 7.74
CA VAL A 442 1.86 -8.50 7.40
C VAL A 442 3.33 -8.88 7.26
N SER A 443 3.67 -10.07 7.71
CA SER A 443 4.97 -10.64 7.39
C SER A 443 4.81 -11.34 6.04
N VAL A 444 5.42 -10.82 4.99
CA VAL A 444 5.23 -11.43 3.67
C VAL A 444 6.31 -12.45 3.31
N PHE A 445 7.58 -12.11 3.55
CA PHE A 445 8.68 -13.02 3.22
C PHE A 445 9.34 -13.59 4.47
N LYS A 446 9.26 -14.91 4.64
CA LYS A 446 9.74 -15.56 5.84
C LYS A 446 11.26 -15.43 5.99
N ASP A 447 11.96 -15.25 4.88
CA ASP A 447 13.44 -15.18 4.93
C ASP A 447 13.90 -13.77 5.26
N GLY A 448 12.93 -12.88 5.43
CA GLY A 448 13.20 -11.51 5.79
C GLY A 448 13.78 -10.68 4.66
N SER A 449 13.62 -11.16 3.43
CA SER A 449 14.12 -10.44 2.25
C SER A 449 13.39 -9.12 2.04
N PRO A 450 14.15 -8.06 1.74
CA PRO A 450 13.55 -6.74 1.50
C PRO A 450 12.52 -6.77 0.37
N ILE A 451 11.48 -5.96 0.50
CA ILE A 451 10.46 -5.87 -0.54
C ILE A 451 10.90 -4.89 -1.63
N LEU A 452 10.84 -5.32 -2.89
CA LEU A 452 11.31 -4.50 -4.00
C LEU A 452 10.28 -3.44 -4.37
N ARG A 453 10.70 -2.49 -5.21
CA ARG A 453 9.88 -1.32 -5.55
C ARG A 453 8.58 -1.67 -6.27
N ASP A 454 8.64 -2.57 -7.24
CA ASP A 454 7.46 -2.86 -8.07
C ASP A 454 6.41 -3.70 -7.32
N MET A 455 5.28 -3.06 -7.02
CA MET A 455 4.12 -3.75 -6.49
C MET A 455 2.97 -3.40 -7.41
N ALA A 456 2.03 -4.32 -7.61
CA ALA A 456 0.90 -4.07 -8.50
C ALA A 456 -0.33 -4.88 -8.13
N PHE A 457 -1.50 -4.28 -8.32
CA PHE A 457 -2.77 -4.90 -7.96
C PHE A 457 -3.26 -5.86 -9.03
N SER A 458 -3.99 -6.89 -8.60
CA SER A 458 -4.79 -7.66 -9.54
C SER A 458 -5.80 -6.70 -10.17
N ILE A 459 -6.44 -7.12 -11.26
CA ILE A 459 -7.28 -6.20 -12.01
C ILE A 459 -8.45 -5.61 -11.22
N ASN A 460 -8.97 -6.34 -10.24
CA ASN A 460 -10.04 -5.84 -9.40
C ASN A 460 -9.59 -5.54 -7.96
N GLN A 461 -8.29 -5.33 -7.80
CA GLN A 461 -7.71 -4.86 -6.54
C GLN A 461 -7.99 -5.74 -5.32
N LEU A 462 -8.28 -7.01 -5.51
CA LEU A 462 -8.43 -7.90 -4.37
C LEU A 462 -7.06 -8.35 -3.83
N TYR A 463 -6.05 -8.32 -4.69
CA TYR A 463 -4.71 -8.77 -4.32
C TYR A 463 -3.67 -7.70 -4.63
N LEU A 464 -2.55 -7.75 -3.93
CA LEU A 464 -1.40 -6.92 -4.25
C LEU A 464 -0.20 -7.82 -4.48
N TYR A 465 0.33 -7.80 -5.70
CA TYR A 465 1.54 -8.57 -6.00
C TYR A 465 2.75 -7.85 -5.48
N VAL A 466 3.57 -8.58 -4.74
CA VAL A 466 4.73 -8.04 -4.07
C VAL A 466 5.92 -8.95 -4.31
N MET A 467 7.12 -8.38 -4.46
CA MET A 467 8.28 -9.21 -4.79
C MET A 467 9.51 -8.94 -3.93
N SER A 468 10.29 -9.99 -3.71
CA SER A 468 11.65 -9.86 -3.22
C SER A 468 12.60 -10.25 -4.36
N GLU A 469 13.91 -10.26 -4.08
CA GLU A 469 14.88 -10.69 -5.09
C GLU A 469 14.66 -12.15 -5.51
N ARG A 470 14.06 -12.94 -4.61
CA ARG A 470 13.98 -14.37 -4.81
C ARG A 470 12.55 -14.85 -5.07
N GLN A 471 11.58 -13.95 -5.03
CA GLN A 471 10.19 -14.41 -4.89
C GLN A 471 9.12 -13.37 -5.21
N VAL A 472 8.11 -13.81 -5.97
CA VAL A 472 6.90 -13.03 -6.18
C VAL A 472 5.76 -13.65 -5.38
N THR A 473 5.05 -12.82 -4.61
CA THR A 473 3.96 -13.30 -3.76
C THR A 473 2.68 -12.49 -3.90
N ARG A 474 1.55 -13.19 -4.04
CA ARG A 474 0.25 -12.54 -4.18
C ARG A 474 -0.41 -12.37 -2.83
N VAL A 475 -0.44 -11.13 -2.35
CA VAL A 475 -0.94 -10.83 -1.01
C VAL A 475 -2.35 -10.24 -1.03
N PRO A 476 -3.30 -10.93 -0.36
CA PRO A 476 -4.65 -10.39 -0.23
C PRO A 476 -4.64 -8.99 0.39
N VAL A 477 -5.33 -8.07 -0.27
CA VAL A 477 -5.49 -6.71 0.22
C VAL A 477 -6.13 -6.67 1.61
N GLU A 478 -7.00 -7.64 1.87
CA GLU A 478 -7.75 -7.67 3.12
C GLU A 478 -7.78 -9.06 3.72
N SER A 479 -7.71 -9.11 5.05
CA SER A 479 -7.85 -10.37 5.78
C SER A 479 -8.80 -10.17 6.97
N CYS A 480 -9.96 -9.58 6.68
CA CYS A 480 -10.91 -9.16 7.72
C CYS A 480 -11.31 -10.26 8.70
N GLU A 481 -11.33 -11.50 8.24
CA GLU A 481 -11.74 -12.63 9.08
C GLU A 481 -10.86 -12.80 10.32
N GLN A 482 -9.74 -12.09 10.36
CA GLN A 482 -8.82 -12.18 11.50
C GLN A 482 -9.40 -11.48 12.74
N TYR A 483 -10.38 -10.61 12.52
CA TYR A 483 -11.06 -9.95 13.64
C TYR A 483 -12.28 -10.77 14.04
N THR A 484 -12.31 -11.20 15.29
CA THR A 484 -13.25 -12.22 15.74
C THR A 484 -14.43 -11.66 16.55
N THR A 485 -14.35 -10.39 16.95
CA THR A 485 -15.50 -9.74 17.57
C THR A 485 -15.85 -8.46 16.84
N CYS A 486 -17.14 -8.14 16.82
CA CYS A 486 -17.61 -6.90 16.21
C CYS A 486 -16.76 -5.72 16.66
N GLY A 487 -16.35 -5.73 17.92
CA GLY A 487 -15.52 -4.69 18.48
C GLY A 487 -14.14 -4.58 17.84
N GLU A 488 -13.46 -5.72 17.70
CA GLU A 488 -12.15 -5.75 17.06
C GLU A 488 -12.27 -5.34 15.59
N CYS A 489 -13.22 -5.95 14.91
CA CYS A 489 -13.47 -5.68 13.50
C CYS A 489 -13.67 -4.19 13.22
N LEU A 490 -14.61 -3.57 13.94
CA LEU A 490 -14.98 -2.19 13.64
C LEU A 490 -14.15 -1.13 14.35
N SER A 491 -13.04 -1.54 14.95
CA SER A 491 -12.09 -0.58 15.51
C SER A 491 -10.66 -0.85 15.02
N SER A 492 -10.54 -1.79 14.10
CA SER A 492 -9.24 -2.10 13.49
C SER A 492 -8.73 -0.91 12.70
N GLY A 493 -9.66 -0.20 12.07
CA GLY A 493 -9.32 0.94 11.25
C GLY A 493 -9.12 0.52 9.81
N ASP A 494 -9.54 -0.71 9.50
CA ASP A 494 -9.36 -1.29 8.18
C ASP A 494 -10.59 -1.01 7.32
N PRO A 495 -10.44 -0.15 6.30
CA PRO A 495 -11.53 0.34 5.46
C PRO A 495 -12.32 -0.78 4.79
N HIS A 496 -11.72 -1.95 4.63
CA HIS A 496 -12.42 -3.04 3.96
C HIS A 496 -13.37 -3.80 4.90
N CYS A 497 -13.18 -3.64 6.21
CA CYS A 497 -13.80 -4.55 7.19
C CYS A 497 -15.09 -4.05 7.85
N GLY A 498 -16.16 -4.82 7.71
CA GLY A 498 -17.37 -4.59 8.48
C GLY A 498 -17.72 -5.83 9.29
N TRP A 499 -18.77 -5.75 10.11
CA TRP A 499 -19.18 -6.90 10.90
C TRP A 499 -20.44 -7.57 10.36
N CYS A 500 -20.30 -8.82 9.95
CA CYS A 500 -21.42 -9.59 9.43
C CYS A 500 -22.14 -10.21 10.61
N ALA A 501 -23.19 -9.52 11.05
CA ALA A 501 -23.84 -9.80 12.33
C ALA A 501 -24.26 -11.25 12.59
N LEU A 502 -25.05 -11.82 11.67
CA LEU A 502 -25.66 -13.13 11.91
C LEU A 502 -24.69 -14.28 11.69
N HIS A 503 -23.62 -14.02 10.94
CA HIS A 503 -22.60 -15.04 10.71
C HIS A 503 -21.45 -14.88 11.68
N ASN A 504 -21.57 -13.88 12.54
CA ASN A 504 -20.54 -13.61 13.54
C ASN A 504 -19.16 -13.56 12.87
N MET A 505 -19.02 -12.68 11.88
CA MET A 505 -17.86 -12.70 11.01
C MET A 505 -17.43 -11.31 10.57
N CYS A 506 -16.13 -11.04 10.58
CA CYS A 506 -15.60 -9.79 10.06
C CYS A 506 -15.25 -9.95 8.58
N SER A 507 -15.88 -9.17 7.71
CA SER A 507 -15.69 -9.33 6.28
C SER A 507 -15.97 -8.08 5.46
N ARG A 508 -15.71 -8.18 4.15
CA ARG A 508 -16.13 -7.18 3.19
C ARG A 508 -17.64 -7.22 3.11
N ARG A 509 -18.27 -6.10 2.80
CA ARG A 509 -19.72 -6.07 2.67
C ARG A 509 -20.24 -7.13 1.71
N ASP A 510 -19.62 -7.18 0.53
CA ASP A 510 -20.05 -8.09 -0.53
C ASP A 510 -19.74 -9.54 -0.19
N LYS A 511 -19.01 -9.75 0.90
CA LYS A 511 -18.75 -11.10 1.39
C LYS A 511 -19.74 -11.51 2.50
N CYS A 512 -20.57 -10.57 2.94
CA CYS A 512 -21.55 -10.85 3.98
C CYS A 512 -22.91 -11.14 3.37
N GLN A 513 -23.39 -12.36 3.57
CA GLN A 513 -24.67 -12.77 3.01
C GLN A 513 -25.84 -11.93 3.58
N ARG A 514 -26.72 -11.46 2.69
CA ARG A 514 -27.89 -10.66 3.08
C ARG A 514 -27.52 -9.33 3.71
N ALA A 515 -26.37 -8.78 3.33
CA ALA A 515 -25.86 -7.56 3.97
C ALA A 515 -26.80 -6.39 3.78
N TRP A 516 -27.61 -6.46 2.73
CA TRP A 516 -28.49 -5.35 2.37
C TRP A 516 -29.75 -5.33 3.25
N GLU A 517 -29.96 -6.39 4.02
CA GLU A 517 -31.13 -6.49 4.89
C GLU A 517 -30.85 -5.86 6.27
N ALA A 518 -31.92 -5.45 6.93
CA ALA A 518 -31.79 -4.69 8.18
C ALA A 518 -30.75 -5.25 9.16
N ASN A 519 -29.78 -4.42 9.51
CA ASN A 519 -28.84 -4.72 10.58
C ASN A 519 -28.01 -5.99 10.41
N ARG A 520 -27.91 -6.48 9.17
CA ARG A 520 -27.08 -7.65 8.89
C ARG A 520 -25.59 -7.30 8.84
N PHE A 521 -25.30 -6.03 8.57
CA PHE A 521 -23.92 -5.58 8.40
C PHE A 521 -23.64 -4.29 9.15
N ALA A 522 -22.75 -4.35 10.14
CA ALA A 522 -22.40 -3.16 10.89
C ALA A 522 -21.13 -2.54 10.33
N ALA A 523 -21.21 -1.25 10.00
CA ALA A 523 -20.06 -0.52 9.46
C ALA A 523 -19.46 0.37 10.54
N SER A 524 -20.11 0.45 11.69
CA SER A 524 -19.67 1.32 12.76
C SER A 524 -19.79 0.64 14.10
N ILE A 525 -18.81 0.90 14.97
CA ILE A 525 -18.78 0.34 16.31
C ILE A 525 -20.14 0.49 17.04
N SER A 526 -20.82 1.61 16.80
CA SER A 526 -22.12 1.85 17.44
C SER A 526 -23.22 0.89 16.95
N GLN A 527 -22.95 0.21 15.85
CA GLN A 527 -23.92 -0.71 15.26
C GLN A 527 -23.70 -2.14 15.74
N CYS A 528 -22.73 -2.31 16.62
CA CYS A 528 -22.49 -3.62 17.23
C CYS A 528 -23.64 -3.98 18.18
N MET A 529 -24.17 -5.18 18.04
CA MET A 529 -25.24 -5.67 18.90
C MET A 529 -24.78 -5.76 20.34
N SER A 530 -25.71 -5.59 21.26
CA SER A 530 -25.50 -5.89 22.66
C SER A 530 -26.71 -6.68 23.13
N LEU A 531 -26.57 -7.34 24.28
CA LEU A 531 -27.61 -8.23 24.77
C LEU A 531 -27.98 -7.89 26.21
N GLU A 532 -29.26 -7.60 26.45
CA GLU A 532 -29.75 -7.32 27.80
C GLU A 532 -30.61 -8.47 28.35
N VAL A 533 -30.27 -8.90 29.57
CA VAL A 533 -30.96 -10.01 30.21
C VAL A 533 -31.63 -9.56 31.50
N HIS A 534 -32.86 -10.00 31.70
CA HIS A 534 -33.52 -9.77 32.99
C HIS A 534 -34.29 -11.01 33.45
N PRO A 535 -34.01 -11.46 34.68
CA PRO A 535 -32.94 -10.86 35.49
C PRO A 535 -31.55 -11.26 35.00
N ASN A 536 -30.52 -10.56 35.43
CA ASN A 536 -29.16 -10.87 34.96
C ASN A 536 -28.41 -11.78 35.90
N SER A 537 -29.12 -12.25 36.93
CA SER A 537 -28.56 -13.20 37.89
C SER A 537 -29.70 -13.90 38.61
N ILE A 538 -29.53 -15.19 38.88
CA ILE A 538 -30.52 -15.97 39.61
C ILE A 538 -29.89 -16.85 40.68
N SER A 539 -30.68 -17.12 41.73
CA SER A 539 -30.27 -18.06 42.75
C SER A 539 -30.06 -19.39 42.06
N VAL A 540 -29.03 -20.13 42.48
CA VAL A 540 -28.78 -21.46 41.95
C VAL A 540 -29.97 -22.40 42.19
N SER A 541 -30.69 -22.18 43.27
CA SER A 541 -31.86 -23.01 43.61
C SER A 541 -33.09 -22.61 42.80
N ASP A 542 -33.01 -21.47 42.14
CA ASP A 542 -34.13 -20.95 41.38
C ASP A 542 -34.01 -21.36 39.92
N HIS A 543 -34.10 -22.67 39.68
CA HIS A 543 -33.86 -23.22 38.35
C HIS A 543 -35.08 -23.14 37.45
N SER A 544 -34.87 -23.39 36.16
CA SER A 544 -35.94 -23.36 35.18
C SER A 544 -36.68 -22.03 35.20
N ARG A 545 -35.94 -20.94 35.37
CA ARG A 545 -36.50 -19.61 35.29
C ARG A 545 -36.72 -19.19 33.83
N LEU A 546 -37.76 -18.40 33.60
CA LEU A 546 -37.93 -17.73 32.34
C LEU A 546 -37.10 -16.43 32.36
N LEU A 547 -36.25 -16.23 31.37
CA LEU A 547 -35.48 -15.00 31.30
C LEU A 547 -35.90 -14.18 30.09
N SER A 548 -35.80 -12.87 30.22
CA SER A 548 -36.10 -11.99 29.10
C SER A 548 -34.82 -11.40 28.52
N LEU A 549 -34.52 -11.81 27.29
CA LEU A 549 -33.34 -11.34 26.57
C LEU A 549 -33.75 -10.33 25.51
N VAL A 550 -33.12 -9.16 25.52
CA VAL A 550 -33.34 -8.19 24.45
C VAL A 550 -32.06 -7.98 23.65
N VAL A 551 -32.17 -8.07 22.33
CA VAL A 551 -31.02 -7.85 21.44
C VAL A 551 -31.07 -6.46 20.82
N ASN A 552 -30.15 -5.60 21.23
CA ASN A 552 -30.09 -4.26 20.66
C ASN A 552 -29.46 -4.25 19.27
N ASP A 553 -29.97 -3.42 18.37
CA ASP A 553 -29.38 -3.24 17.05
C ASP A 553 -29.33 -4.56 16.32
N ALA A 554 -30.34 -5.39 16.53
CA ALA A 554 -30.36 -6.72 15.94
C ALA A 554 -31.06 -6.74 14.59
N PRO A 555 -30.77 -7.75 13.78
CA PRO A 555 -31.50 -8.01 12.55
C PRO A 555 -32.67 -8.93 12.81
N ASN A 556 -33.39 -9.32 11.77
CA ASN A 556 -34.47 -10.27 11.94
C ASN A 556 -33.97 -11.54 12.61
N LEU A 557 -34.58 -11.88 13.75
CA LEU A 557 -34.25 -13.11 14.47
C LEU A 557 -35.31 -14.16 14.25
N SER A 558 -36.36 -13.81 13.50
CA SER A 558 -37.55 -14.64 13.41
C SER A 558 -37.30 -16.06 12.87
N GLU A 559 -36.14 -16.29 12.25
CA GLU A 559 -35.82 -17.62 11.74
C GLU A 559 -35.69 -18.62 12.88
N GLY A 560 -35.33 -18.13 14.06
CA GLY A 560 -35.12 -18.96 15.22
C GLY A 560 -33.91 -18.55 16.02
N ILE A 561 -34.01 -18.71 17.33
CA ILE A 561 -32.92 -18.42 18.25
C ILE A 561 -32.83 -19.52 19.31
N ALA A 562 -31.60 -19.87 19.69
CA ALA A 562 -31.39 -20.82 20.78
C ALA A 562 -30.47 -20.15 21.79
N CYS A 563 -30.72 -20.42 23.06
CA CYS A 563 -29.91 -19.87 24.14
C CYS A 563 -28.92 -20.91 24.63
N ALA A 564 -27.66 -20.53 24.73
CA ALA A 564 -26.63 -21.42 25.25
C ALA A 564 -26.06 -20.87 26.54
N PHE A 565 -26.18 -21.63 27.62
CA PHE A 565 -25.65 -21.23 28.90
C PHE A 565 -24.26 -21.83 29.05
N GLY A 566 -23.24 -21.06 28.66
CA GLY A 566 -21.88 -21.58 28.62
C GLY A 566 -21.87 -22.94 27.94
N ASN A 567 -21.22 -23.92 28.56
CA ASN A 567 -21.24 -25.31 28.11
C ASN A 567 -22.50 -26.05 28.55
N LEU A 568 -23.13 -25.55 29.60
CA LEU A 568 -24.14 -26.30 30.34
C LEU A 568 -25.35 -26.71 29.53
N THR A 569 -25.82 -25.84 28.66
CA THR A 569 -27.18 -25.96 28.15
C THR A 569 -27.36 -25.25 26.82
N GLU A 570 -28.27 -25.78 26.00
CA GLU A 570 -28.76 -25.05 24.84
C GLU A 570 -30.22 -25.38 24.59
N VAL A 571 -31.08 -24.40 24.82
CA VAL A 571 -32.52 -24.58 24.63
C VAL A 571 -33.05 -23.64 23.59
N GLU A 572 -34.10 -24.06 22.89
CA GLU A 572 -34.74 -23.21 21.90
C GLU A 572 -35.46 -22.03 22.57
N GLY A 573 -35.13 -20.81 22.14
CA GLY A 573 -35.74 -19.61 22.66
C GLY A 573 -37.03 -19.29 21.94
N GLN A 574 -37.88 -18.49 22.57
CA GLN A 574 -39.09 -18.00 21.93
C GLN A 574 -38.82 -16.57 21.47
N VAL A 575 -39.11 -16.28 20.21
CA VAL A 575 -38.75 -15.00 19.61
C VAL A 575 -39.94 -14.09 19.27
N SER A 576 -39.88 -12.86 19.79
CA SER A 576 -40.86 -11.83 19.48
C SER A 576 -40.07 -10.56 19.21
N GLY A 577 -39.90 -10.22 17.93
CA GLY A 577 -39.09 -9.09 17.55
C GLY A 577 -37.66 -9.28 18.04
N SER A 578 -37.12 -8.28 18.72
CA SER A 578 -35.78 -8.34 19.25
C SER A 578 -35.77 -8.89 20.67
N GLN A 579 -36.88 -9.50 21.08
CA GLN A 579 -36.95 -10.09 22.41
C GLN A 579 -36.93 -11.61 22.36
N VAL A 580 -36.09 -12.20 23.18
CA VAL A 580 -35.99 -13.64 23.30
C VAL A 580 -36.28 -14.08 24.71
N ILE A 581 -37.00 -15.18 24.85
CA ILE A 581 -37.28 -15.74 26.14
C ILE A 581 -36.74 -17.17 26.21
N CYS A 582 -35.97 -17.46 27.24
CA CYS A 582 -35.32 -18.76 27.36
C CYS A 582 -35.53 -19.29 28.75
N ILE A 583 -35.54 -20.61 28.87
CA ILE A 583 -35.62 -21.28 30.16
C ILE A 583 -34.22 -21.55 30.69
N SER A 584 -33.95 -21.15 31.93
CA SER A 584 -32.64 -21.33 32.53
C SER A 584 -32.40 -22.79 32.88
N PRO A 585 -31.14 -23.17 33.09
CA PRO A 585 -30.80 -24.58 33.28
C PRO A 585 -31.61 -25.23 34.40
N GLY A 586 -31.90 -26.52 34.23
CA GLY A 586 -32.57 -27.31 35.23
C GLY A 586 -31.62 -27.80 36.30
N PRO A 587 -32.18 -28.37 37.39
CA PRO A 587 -31.44 -28.73 38.60
C PRO A 587 -30.16 -29.53 38.31
N LYS A 588 -30.25 -30.56 37.47
CA LYS A 588 -29.08 -31.35 37.12
C LYS A 588 -28.00 -30.50 36.47
N ASP A 589 -28.40 -29.47 35.73
CA ASP A 589 -27.47 -28.74 34.87
C ASP A 589 -26.89 -27.44 35.43
N VAL A 590 -27.50 -26.89 36.48
CA VAL A 590 -26.96 -25.67 37.07
C VAL A 590 -25.53 -25.91 37.53
N PRO A 591 -24.70 -24.87 37.48
CA PRO A 591 -23.30 -25.03 37.87
C PRO A 591 -23.17 -25.13 39.37
N VAL A 592 -22.08 -25.71 39.87
CA VAL A 592 -21.80 -25.68 41.29
C VAL A 592 -20.89 -24.49 41.58
N ILE A 593 -21.11 -23.84 42.72
CA ILE A 593 -20.36 -22.65 43.08
C ILE A 593 -19.14 -23.00 43.94
N PRO A 594 -18.00 -22.35 43.66
CA PRO A 594 -16.79 -22.51 44.48
C PRO A 594 -16.80 -21.55 45.68
N LEU A 595 -16.76 -22.10 46.89
CA LEU A 595 -16.80 -21.28 48.10
C LEU A 595 -15.42 -20.69 48.39
N ASP A 598 -19.47 -17.68 46.26
CA ASP A 598 -20.76 -17.01 46.43
C ASP A 598 -21.56 -16.94 45.13
N TRP A 599 -20.86 -16.83 44.02
CA TRP A 599 -21.50 -16.80 42.72
C TRP A 599 -20.65 -17.51 41.68
N PHE A 600 -21.14 -17.51 40.45
CA PHE A 600 -20.48 -18.20 39.35
C PHE A 600 -21.00 -17.63 38.05
N GLY A 601 -20.13 -16.99 37.30
CA GLY A 601 -20.52 -16.36 36.05
C GLY A 601 -20.30 -17.25 34.85
N LEU A 602 -21.06 -16.99 33.79
CA LEU A 602 -20.86 -17.67 32.51
C LEU A 602 -21.45 -16.82 31.39
N GLU A 603 -21.06 -17.12 30.16
CA GLU A 603 -21.56 -16.37 29.02
C GLU A 603 -22.84 -17.00 28.50
N LEU A 604 -23.92 -16.22 28.57
CA LEU A 604 -25.19 -16.61 27.98
C LEU A 604 -25.15 -16.14 26.54
N GLN A 605 -25.40 -17.05 25.62
CA GLN A 605 -25.19 -16.80 24.20
C GLN A 605 -26.41 -17.15 23.36
N LEU A 606 -26.60 -16.42 22.27
CA LEU A 606 -27.65 -16.71 21.33
C LEU A 606 -27.08 -17.27 20.02
N ARG A 607 -27.64 -18.38 19.58
CA ARG A 607 -27.30 -18.96 18.29
C ARG A 607 -28.43 -18.71 17.31
N SER A 608 -28.08 -18.17 16.14
CA SER A 608 -29.04 -17.96 15.05
C SER A 608 -29.38 -19.28 14.40
N LYS A 609 -30.67 -19.59 14.27
CA LYS A 609 -31.06 -20.79 13.56
C LYS A 609 -30.89 -20.63 12.06
N GLU A 610 -30.96 -19.39 11.58
CA GLU A 610 -30.77 -19.10 10.17
C GLU A 610 -29.35 -19.49 9.73
N THR A 611 -28.36 -19.09 10.52
CA THR A 611 -26.97 -19.25 10.13
C THR A 611 -26.27 -20.38 10.89
N GLY A 612 -26.74 -20.68 12.09
CA GLY A 612 -26.14 -21.72 12.91
C GLY A 612 -25.06 -21.20 13.84
N LYS A 613 -24.86 -19.87 13.82
CA LYS A 613 -23.74 -19.27 14.54
C LYS A 613 -24.15 -18.50 15.80
N ILE A 614 -23.38 -18.66 16.87
CA ILE A 614 -23.47 -17.78 18.02
C ILE A 614 -23.03 -16.40 17.57
N PHE A 615 -23.84 -15.38 17.85
CA PHE A 615 -23.54 -14.03 17.35
C PHE A 615 -23.57 -12.93 18.41
N VAL A 616 -24.09 -13.23 19.60
CA VAL A 616 -24.04 -12.29 20.72
C VAL A 616 -23.93 -13.02 22.03
N SER A 617 -23.55 -12.28 23.06
CA SER A 617 -23.32 -12.86 24.36
C SER A 617 -23.37 -11.80 25.44
N THR A 618 -23.59 -12.23 26.67
CA THR A 618 -23.50 -11.35 27.83
C THR A 618 -23.30 -12.21 29.05
N GLU A 619 -22.81 -11.62 30.14
CA GLU A 619 -22.57 -12.40 31.34
C GLU A 619 -23.87 -12.72 32.08
N PHE A 620 -23.95 -13.94 32.60
CA PHE A 620 -25.07 -14.36 33.43
C PHE A 620 -24.50 -15.05 34.66
N LYS A 621 -25.00 -14.69 35.84
CA LYS A 621 -24.43 -15.17 37.10
C LYS A 621 -25.43 -15.96 37.94
N PHE A 622 -24.94 -17.06 38.52
CA PHE A 622 -25.71 -17.83 39.47
C PHE A 622 -25.16 -17.56 40.87
N TYR A 623 -26.03 -17.42 41.86
CA TYR A 623 -25.56 -17.17 43.22
C TYR A 623 -26.16 -18.10 44.25
N ASN A 624 -25.52 -18.16 45.40
CA ASN A 624 -25.92 -19.03 46.49
C ASN A 624 -26.07 -18.21 47.76
N CYS A 625 -27.29 -17.78 48.05
CA CYS A 625 -27.55 -17.04 49.28
C CYS A 625 -27.11 -17.84 50.52
N SER A 626 -27.28 -19.16 50.46
CA SER A 626 -26.93 -20.02 51.59
C SER A 626 -25.45 -19.88 51.94
N ALA A 627 -24.67 -19.37 51.00
CA ALA A 627 -23.23 -19.19 51.20
C ALA A 627 -22.94 -18.24 52.35
N HIS A 628 -23.87 -17.31 52.62
CA HIS A 628 -23.72 -16.37 53.72
C HIS A 628 -24.34 -16.95 54.97
N GLN A 629 -23.63 -16.88 56.09
CA GLN A 629 -24.15 -17.46 57.34
C GLN A 629 -24.26 -16.45 58.48
N LEU A 630 -24.16 -15.19 58.13
CA LEU A 630 -24.37 -14.11 59.10
C LEU A 630 -25.27 -13.08 58.45
N CYS A 631 -26.11 -12.43 59.25
CA CYS A 631 -27.07 -11.48 58.71
C CYS A 631 -26.42 -10.40 57.84
N LEU A 632 -25.38 -9.77 58.36
CA LEU A 632 -24.71 -8.68 57.63
C LEU A 632 -24.15 -9.17 56.30
N SER A 633 -23.55 -10.36 56.32
CA SER A 633 -23.00 -10.97 55.13
C SER A 633 -24.10 -11.22 54.09
N CYS A 634 -25.19 -11.83 54.53
CA CYS A 634 -26.33 -12.12 53.66
C CYS A 634 -26.93 -10.85 53.05
N VAL A 635 -27.15 -9.86 53.91
CA VAL A 635 -27.83 -8.64 53.49
C VAL A 635 -27.02 -7.82 52.48
N ASN A 636 -25.71 -7.77 52.70
CA ASN A 636 -24.83 -6.96 51.87
C ASN A 636 -24.37 -7.68 50.62
N SER A 637 -24.88 -8.89 50.41
CA SER A 637 -24.57 -9.62 49.19
C SER A 637 -24.80 -8.71 48.00
N ALA A 638 -24.02 -8.90 46.94
CA ALA A 638 -24.24 -8.18 45.70
C ALA A 638 -25.54 -8.64 45.07
N PHE A 639 -26.00 -9.83 45.46
CA PHE A 639 -27.23 -10.40 44.90
C PHE A 639 -28.39 -10.26 45.86
N ARG A 640 -29.60 -10.56 45.35
CA ARG A 640 -30.81 -10.41 46.16
C ARG A 640 -31.01 -11.54 47.17
N CYS A 641 -30.46 -11.34 48.37
CA CYS A 641 -30.56 -12.34 49.43
C CYS A 641 -31.32 -11.77 50.61
N HIS A 642 -31.97 -12.64 51.38
CA HIS A 642 -32.75 -12.22 52.54
C HIS A 642 -32.34 -13.03 53.76
N TRP A 643 -32.19 -12.36 54.89
CA TRP A 643 -31.88 -13.05 56.13
C TRP A 643 -33.16 -13.42 56.87
N CYS A 644 -33.34 -14.71 57.15
CA CYS A 644 -34.46 -15.17 57.96
C CYS A 644 -34.08 -15.12 59.43
N LYS A 645 -34.55 -14.09 60.11
CA LYS A 645 -34.17 -13.83 61.50
C LYS A 645 -34.27 -15.08 62.36
N TYR A 646 -35.44 -15.71 62.35
CA TYR A 646 -35.71 -16.86 63.23
C TYR A 646 -35.05 -18.14 62.75
N ARG A 647 -35.24 -18.48 61.48
CA ARG A 647 -34.63 -19.69 60.93
C ARG A 647 -33.12 -19.56 60.91
N ASN A 648 -32.64 -18.35 61.17
CA ASN A 648 -31.21 -18.09 61.23
C ASN A 648 -30.45 -18.57 59.98
N LEU A 649 -30.88 -18.08 58.81
CA LEU A 649 -30.20 -18.42 57.56
C LEU A 649 -30.46 -17.41 56.44
N CYS A 650 -29.60 -17.44 55.43
CA CYS A 650 -29.74 -16.56 54.28
C CYS A 650 -30.43 -17.29 53.14
N THR A 651 -31.36 -16.62 52.47
CA THR A 651 -32.17 -17.24 51.42
C THR A 651 -32.43 -16.27 50.27
N HIS A 652 -32.80 -16.81 49.13
CA HIS A 652 -33.19 -15.98 47.99
C HIS A 652 -34.71 -15.81 48.00
N ASP A 653 -35.39 -16.71 48.71
CA ASP A 653 -36.85 -16.76 48.69
C ASP A 653 -37.45 -16.40 50.05
N PRO A 654 -37.83 -15.12 50.22
CA PRO A 654 -38.31 -14.59 51.50
C PRO A 654 -39.50 -15.35 52.07
N THR A 655 -40.28 -16.00 51.22
CA THR A 655 -41.46 -16.74 51.69
C THR A 655 -41.10 -18.01 52.46
N THR A 656 -39.80 -18.29 52.58
CA THR A 656 -39.36 -19.47 53.31
C THR A 656 -38.86 -19.14 54.71
N CYS A 657 -38.78 -17.84 55.03
CA CYS A 657 -38.57 -17.44 56.41
C CYS A 657 -39.73 -17.99 57.24
N SER A 658 -39.51 -18.21 58.53
CA SER A 658 -40.52 -18.85 59.37
C SER A 658 -41.76 -17.99 59.56
N PHE A 659 -41.55 -16.75 59.98
CA PHE A 659 -42.63 -15.77 60.05
C PHE A 659 -42.29 -14.57 59.18
N GLN A 660 -43.32 -13.92 58.68
CA GLN A 660 -43.15 -12.72 57.88
C GLN A 660 -42.29 -11.70 58.65
N GLU A 661 -42.39 -11.74 59.97
CA GLU A 661 -41.64 -10.84 60.84
C GLU A 661 -40.13 -11.16 60.87
N GLY A 662 -39.76 -12.34 60.39
CA GLY A 662 -38.37 -12.77 60.40
C GLY A 662 -37.53 -12.23 59.26
N ARG A 663 -38.18 -11.69 58.23
CA ARG A 663 -37.48 -11.19 57.05
C ARG A 663 -36.64 -9.95 57.35
N ILE A 664 -35.34 -10.07 57.09
CA ILE A 664 -34.44 -8.91 57.17
C ILE A 664 -33.78 -8.66 55.81
N ASN A 665 -33.85 -7.43 55.32
CA ASN A 665 -33.33 -7.10 54.00
C ASN A 665 -32.15 -6.14 54.06
N VAL A 666 -32.11 -5.32 55.09
CA VAL A 666 -31.06 -4.31 55.24
C VAL A 666 -30.23 -4.60 56.48
N SER A 667 -28.96 -4.24 56.44
CA SER A 667 -28.05 -4.53 57.54
C SER A 667 -28.40 -3.71 58.79
N GLU A 668 -29.05 -2.57 58.57
CA GLU A 668 -29.36 -1.67 59.67
C GLU A 668 -30.08 -2.38 60.82
N ASP A 669 -30.90 -3.37 60.50
CA ASP A 669 -31.61 -4.11 61.53
C ASP A 669 -31.15 -5.56 61.64
N CYS A 670 -29.85 -5.77 61.46
CA CYS A 670 -29.23 -7.06 61.75
C CYS A 670 -28.92 -7.15 63.23
N PRO A 671 -29.32 -8.27 63.86
CA PRO A 671 -29.05 -8.48 65.29
C PRO A 671 -27.59 -8.85 65.54
C1 NAG B . -4.21 -21.31 -11.10
C2 NAG B . -4.49 -20.74 -12.49
C3 NAG B . -4.83 -21.79 -13.52
C4 NAG B . -3.80 -22.90 -13.51
C5 NAG B . -3.61 -23.49 -12.12
C6 NAG B . -2.37 -24.37 -12.10
C7 NAG B . -5.47 -18.57 -12.96
C8 NAG B . -4.81 -17.51 -12.13
N2 NAG B . -5.58 -19.77 -12.40
O3 NAG B . -4.85 -21.20 -14.80
O4 NAG B . -4.20 -23.92 -14.41
O5 NAG B . -3.45 -22.52 -11.10
O6 NAG B . -2.23 -25.05 -13.34
O7 NAG B . -5.87 -18.30 -14.09
C1 NAG C . 27.76 -5.71 -12.25
C2 NAG C . 27.64 -7.21 -11.98
C3 NAG C . 28.57 -7.66 -10.88
C4 NAG C . 30.00 -7.29 -11.24
C5 NAG C . 30.06 -5.79 -11.52
C6 NAG C . 31.47 -5.39 -11.98
C7 NAG C . 25.60 -8.45 -12.43
C8 NAG C . 26.09 -8.64 -13.83
N2 NAG C . 26.27 -7.59 -11.67
O3 NAG C . 28.46 -9.06 -10.71
O4 NAG C . 30.91 -7.65 -10.20
O5 NAG C . 29.13 -5.42 -12.51
O6 NAG C . 32.43 -5.75 -11.01
O7 NAG C . 24.63 -9.09 -12.01
C1 NAG D . -9.44 25.22 -2.93
C2 NAG D . -10.74 25.83 -3.45
C3 NAG D . -10.66 27.35 -3.58
C4 NAG D . -10.15 27.92 -2.28
C5 NAG D . -8.78 27.37 -1.96
C6 NAG D . -8.32 27.87 -0.60
C7 NAG D . -11.18 25.91 -5.86
C8 NAG D . -12.55 26.24 -6.38
N2 NAG D . -11.11 25.21 -4.72
O3 NAG D . -11.94 27.89 -3.88
O4 NAG D . -10.10 29.33 -2.36
O5 NAG D . -8.77 25.95 -1.92
O6 NAG D . -9.19 27.38 0.39
O7 NAG D . -10.17 26.27 -6.49
C1 NAG E . -17.79 -27.09 29.52
C2 NAG E . -16.95 -28.25 28.98
C3 NAG E . -16.29 -29.04 30.10
C4 NAG E . -15.55 -28.10 31.03
C5 NAG E . -16.49 -27.00 31.54
C6 NAG E . -15.73 -26.01 32.40
C7 NAG E . -17.63 -29.25 26.84
C8 NAG E . -16.50 -28.48 26.21
N2 NAG E . -17.78 -29.13 28.16
O3 NAG E . -15.37 -29.96 29.56
O4 NAG E . -15.03 -28.82 32.12
O5 NAG E . -17.08 -26.32 30.46
O6 NAG E . -16.53 -24.86 32.62
O7 NAG E . -18.38 -29.94 26.14
C1 NAG F . -24.51 -22.82 49.23
C2 NAG F . -24.23 -24.10 48.43
C3 NAG F . -24.29 -25.31 49.33
C4 NAG F . -23.23 -25.14 50.40
C5 NAG F . -23.38 -23.80 51.12
C6 NAG F . -22.16 -23.59 52.02
C7 NAG F . -24.67 -24.54 46.10
C8 NAG F . -23.25 -24.15 45.81
N2 NAG F . -25.15 -24.26 47.30
O3 NAG F . -24.04 -26.49 48.59
O4 NAG F . -23.28 -26.20 51.33
O5 NAG F . -23.52 -22.70 50.23
O6 NAG F . -22.23 -22.35 52.68
O7 NAG F . -25.35 -25.07 45.22
CL CL G . 26.61 5.41 0.65
CL CL H . -7.57 4.20 13.81
NA NA I . -28.86 0.34 13.19
C1 GOL J . 5.42 3.28 -18.69
O1 GOL J . 5.65 3.27 -17.29
C2 GOL J . 3.93 3.43 -19.04
O2 GOL J . 3.68 4.76 -19.41
C3 GOL J . 3.53 2.49 -20.17
O3 GOL J . 2.37 1.73 -19.86
C1 GOL K . 2.93 0.21 -17.25
O1 GOL K . 1.98 0.57 -16.27
C2 GOL K . 3.91 -0.83 -16.71
O2 GOL K . 3.84 -1.98 -17.54
C3 GOL K . 5.33 -0.25 -16.68
O3 GOL K . 6.00 -0.58 -15.48
C1 GOL L . 22.26 2.29 6.93
O1 GOL L . 23.48 2.30 7.64
C2 GOL L . 21.19 1.49 7.69
O2 GOL L . 21.72 1.01 8.91
C3 GOL L . 20.71 0.30 6.84
O3 GOL L . 20.69 0.67 5.48
C1 GOL M . -11.39 4.52 10.89
O1 GOL M . -11.81 5.53 10.00
C2 GOL M . -11.76 3.17 10.29
O2 GOL M . -12.85 2.60 11.02
C3 GOL M . -12.15 3.38 8.83
O3 GOL M . -13.21 2.49 8.50
#